data_7C61
#
_entry.id   7C61
#
_cell.length_a   248.800
_cell.length_b   65.700
_cell.length_c   79.730
_cell.angle_alpha   90.000
_cell.angle_beta   98.790
_cell.angle_gamma   90.000
#
_symmetry.space_group_name_H-M   'C 1 2 1'
#
loop_
_entity.id
_entity.type
_entity.pdbx_description
1 polymer 'IGG LIGHT CHAIN'
2 polymer 'IGG HEAVY CHAIN'
3 polymer '5-hydroxytryptamine receptor 1B,Soluble cytochrome b562,5-hydroxytryptamine receptor 1B'
4 non-polymer Ergotamine
#
loop_
_entity_poly.entity_id
_entity_poly.type
_entity_poly.pdbx_seq_one_letter_code
_entity_poly.pdbx_strand_id
1 'polypeptide(L)'
;DIVLTQSPATLSVTPGDRVSLSCRASQSVSNYLHWYQQKSHESPRLLIKYASQSISGIPSRFSGSGSGTDFTLSINSVET
EDFGMYFCQQSNSWPLTFGAGTKLELRRADAAPTVSIFPPSSEQLTSGGASVVCFLNNFYPKDINVKWKIDGSERQNGVL
NSWTDQDSKDSTYSMSSTLTLTKDEYERHNSYTCEATHKTSTSPIVKSFNRNEC
;
L
2 'polypeptide(L)'
;QIQLQQSGPELVKPGASVKISCKASGYTFTDFYINWMKQRPGQGLEWIGWIFPGSGNTHYNEKFKGKATLIVDTSSSTAF
MQLNSLTSEDSAVYFCTRPVSYYYDFDYWGQGTTLTVSSAKTTAPSVYPLAPVCGDTSGSSVTLGCLVKGYFPEPVTLTW
NSGSLSSGVHTFPAVLQSDLYTLSSSVTVTSSTWPSQSITCNVAHPASSTKVDKKIEPRGPTIKPCPPCKCPAPNLLGGP
SVFIFPPKIKDVLMISLSPIVTCVVVDVSEDDPDVQISWFVNNVEVHTAQTQTHREDYNSTLRVVSALPIQHQDWMSGKE
FKC
;
H
3 'polypeptide(L)'
;GCSAKDYIYQDSISLPWKVLLVMLLALITLATTLSNAFVIATVYRTRKLHTPANYLIASLAVTDLLVSILVMPISTMYTV
TGRWTLGQVVCDFWLSSDITCCTASIWHLCVIALDRYWAITDAVEYSAKRTPKRAAVMIALVWVFSISISLPPFFWRQAK
AEEEVSECVVNTDHILYTVYSTVGAFYFPTLLLIALYGRIYVEARSRIADLEDNWETLNDNLKVIEKADNAAQVKDALTK
MRAAALDAQKATPPKLEDKSPDSPEMKDFRHGFDILVGQIDDALKLANEGKVKEAQAAAEQLKTTRNAYIQKYLAARERK
ATKTLGIILGAFIVCWLPFFIISLVMPICKDACWFHLAIFDFFTWLGYLNSLINPIIYTMSNEDFKQAFHKLIRFKCTS
;
A
#
loop_
_chem_comp.id
_chem_comp.type
_chem_comp.name
_chem_comp.formula
ERM non-polymer Ergotamine 'C33 H35 N5 O5'
#
# COMPACT_ATOMS: atom_id res chain seq x y z
N ASP A 1 -4.43 -0.80 -1.87
CA ASP A 1 -4.09 -1.27 -3.23
C ASP A 1 -5.09 -2.35 -3.64
N ILE A 2 -5.40 -2.38 -4.94
CA ILE A 2 -6.31 -3.37 -5.57
C ILE A 2 -5.50 -4.62 -5.88
N VAL A 3 -5.96 -5.76 -5.37
CA VAL A 3 -5.31 -7.08 -5.58
C VAL A 3 -6.04 -7.80 -6.71
N LEU A 4 -5.34 -8.09 -7.79
CA LEU A 4 -5.80 -9.00 -8.88
C LEU A 4 -5.27 -10.42 -8.59
N THR A 5 -6.20 -11.25 -8.11
CA THR A 5 -6.13 -12.72 -7.96
C THR A 5 -6.40 -13.39 -9.29
N GLN A 6 -5.39 -13.90 -10.01
CA GLN A 6 -5.57 -14.73 -11.22
C GLN A 6 -5.77 -16.19 -10.81
N SER A 7 -6.67 -16.89 -11.51
CA SER A 7 -6.84 -18.35 -11.36
C SER A 7 -7.05 -19.01 -12.71
N PRO A 8 -6.58 -20.27 -12.85
CA PRO A 8 -5.73 -20.89 -11.84
C PRO A 8 -4.25 -20.60 -12.06
N ALA A 9 -3.42 -20.96 -11.09
CA ALA A 9 -1.97 -20.69 -11.09
C ALA A 9 -1.34 -21.19 -12.39
N THR A 10 -1.63 -22.45 -12.73
CA THR A 10 -1.02 -23.24 -13.83
C THR A 10 -2.17 -23.96 -14.56
N LEU A 11 -2.12 -24.09 -15.89
CA LEU A 11 -3.22 -24.75 -16.62
C LEU A 11 -2.70 -25.53 -17.83
N SER A 12 -3.08 -26.81 -17.94
CA SER A 12 -2.67 -27.73 -19.04
C SER A 12 -3.82 -27.91 -20.01
N VAL A 13 -3.62 -27.57 -21.28
CA VAL A 13 -4.65 -27.70 -22.34
C VAL A 13 -4.10 -28.50 -23.52
N THR A 14 -4.96 -29.34 -24.10
CA THR A 14 -4.75 -30.00 -25.42
C THR A 14 -5.08 -29.00 -26.52
N PRO A 15 -4.27 -28.88 -27.58
CA PRO A 15 -4.62 -28.01 -28.69
C PRO A 15 -6.00 -28.46 -29.20
N GLY A 16 -6.77 -27.51 -29.71
CA GLY A 16 -8.21 -27.68 -29.95
C GLY A 16 -9.03 -27.11 -28.82
N ASP A 17 -8.66 -27.36 -27.55
CA ASP A 17 -9.46 -27.09 -26.33
C ASP A 17 -9.83 -25.60 -26.25
N ARG A 18 -10.96 -25.31 -25.59
CA ARG A 18 -11.45 -23.95 -25.26
C ARG A 18 -10.83 -23.58 -23.93
N VAL A 19 -10.44 -22.33 -23.70
CA VAL A 19 -9.81 -21.97 -22.39
C VAL A 19 -10.31 -20.61 -21.96
N SER A 20 -10.73 -20.57 -20.70
CA SER A 20 -11.15 -19.36 -19.93
C SER A 20 -10.13 -19.16 -18.82
N LEU A 21 -9.32 -18.13 -18.95
CA LEU A 21 -8.47 -17.60 -17.87
C LEU A 21 -9.30 -16.56 -17.11
N SER A 22 -9.42 -16.75 -15.80
CA SER A 22 -10.09 -15.89 -14.79
C SER A 22 -9.08 -14.94 -14.09
N CYS A 23 -9.51 -13.69 -13.85
CA CYS A 23 -8.83 -12.59 -13.14
C CYS A 23 -9.85 -11.88 -12.27
N ARG A 24 -9.69 -11.96 -10.96
CA ARG A 24 -10.67 -11.45 -9.97
C ARG A 24 -10.03 -10.32 -9.15
N ALA A 25 -10.60 -9.12 -9.23
CA ALA A 25 -10.14 -7.89 -8.54
C ALA A 25 -10.76 -7.81 -7.14
N SER A 26 -9.95 -7.49 -6.13
CA SER A 26 -10.30 -7.44 -4.69
C SER A 26 -11.40 -6.40 -4.48
N GLN A 27 -11.46 -5.40 -5.35
CA GLN A 27 -12.57 -4.42 -5.44
C GLN A 27 -12.80 -4.09 -6.91
N SER A 28 -13.91 -3.43 -7.22
CA SER A 28 -14.25 -3.02 -8.61
C SER A 28 -13.12 -2.20 -9.23
N VAL A 29 -12.83 -2.48 -10.50
CA VAL A 29 -11.88 -1.74 -11.38
C VAL A 29 -12.61 -1.37 -12.68
N SER A 30 -13.93 -1.42 -12.66
CA SER A 30 -14.80 -1.03 -13.79
C SER A 30 -14.36 -1.80 -15.05
N ASN A 31 -14.03 -1.12 -16.14
CA ASN A 31 -13.57 -1.78 -17.39
C ASN A 31 -12.06 -1.52 -17.55
N TYR A 32 -11.38 -0.98 -16.54
CA TYR A 32 -9.93 -0.64 -16.63
C TYR A 32 -9.10 -1.90 -16.34
N LEU A 33 -9.23 -2.91 -17.20
CA LEU A 33 -8.43 -4.14 -17.03
C LEU A 33 -7.88 -4.59 -18.38
N HIS A 34 -6.58 -4.89 -18.42
CA HIS A 34 -5.86 -5.38 -19.62
C HIS A 34 -5.14 -6.71 -19.37
N TRP A 35 -4.89 -7.42 -20.45
CA TRP A 35 -4.39 -8.81 -20.48
C TRP A 35 -3.10 -8.74 -21.25
N TYR A 36 -2.10 -9.50 -20.84
CA TYR A 36 -0.77 -9.62 -21.51
C TYR A 36 -0.32 -11.07 -21.64
N GLN A 37 0.37 -11.39 -22.72
CA GLN A 37 1.15 -12.64 -22.86
C GLN A 37 2.61 -12.41 -22.46
N GLN A 38 3.27 -13.32 -21.78
CA GLN A 38 4.73 -13.22 -21.62
C GLN A 38 5.32 -14.62 -21.74
N LYS A 39 6.03 -14.89 -22.83
CA LYS A 39 6.62 -16.23 -23.05
C LYS A 39 7.71 -16.51 -22.01
N SER A 40 8.53 -15.49 -21.74
CA SER A 40 9.64 -15.57 -20.76
C SER A 40 9.87 -14.16 -20.20
N HIS A 41 11.13 -13.80 -19.95
CA HIS A 41 11.47 -12.45 -19.44
C HIS A 41 11.07 -11.39 -20.49
N GLU A 42 11.05 -11.77 -21.77
CA GLU A 42 10.78 -10.79 -22.86
C GLU A 42 9.58 -9.90 -22.47
N SER A 43 9.59 -8.65 -22.93
CA SER A 43 8.55 -7.66 -22.56
C SER A 43 7.15 -8.16 -22.94
N PRO A 44 6.16 -8.01 -22.04
CA PRO A 44 4.78 -8.44 -22.30
C PRO A 44 4.16 -7.91 -23.59
N ARG A 45 3.45 -8.79 -24.32
CA ARG A 45 2.59 -8.48 -25.51
C ARG A 45 1.15 -8.31 -25.01
N LEU A 46 0.63 -7.09 -25.15
CA LEU A 46 -0.76 -6.68 -24.80
C LEU A 46 -1.66 -7.41 -25.79
N LEU A 47 -2.56 -8.23 -25.26
CA LEU A 47 -3.55 -9.07 -25.97
C LEU A 47 -4.86 -8.31 -26.05
N ILE A 48 -5.34 -7.78 -24.92
CA ILE A 48 -6.71 -7.22 -24.77
C ILE A 48 -6.63 -6.00 -23.84
N LYS A 49 -7.11 -4.82 -24.26
CA LYS A 49 -7.14 -3.60 -23.40
C LYS A 49 -8.60 -3.19 -23.08
N TYR A 50 -8.81 -2.60 -21.91
CA TYR A 50 -10.15 -2.13 -21.47
C TYR A 50 -11.16 -3.28 -21.49
N ALA A 51 -10.69 -4.47 -21.08
CA ALA A 51 -11.46 -5.72 -20.91
C ALA A 51 -11.90 -6.37 -22.22
N SER A 52 -12.71 -5.68 -23.04
CA SER A 52 -13.23 -6.32 -24.28
C SER A 52 -12.53 -5.87 -25.56
N GLN A 53 -11.83 -4.73 -25.54
CA GLN A 53 -11.18 -4.24 -26.79
C GLN A 53 -10.05 -5.19 -27.15
N SER A 54 -10.04 -5.62 -28.39
CA SER A 54 -9.00 -6.55 -28.91
C SER A 54 -8.00 -5.68 -29.69
N ILE A 55 -6.74 -6.08 -29.66
CA ILE A 55 -5.62 -5.27 -30.19
C ILE A 55 -5.41 -5.59 -31.66
N SER A 56 -5.20 -4.58 -32.47
CA SER A 56 -4.79 -4.77 -33.88
C SER A 56 -3.64 -5.76 -33.93
N GLY A 57 -3.75 -6.75 -34.77
CA GLY A 57 -2.68 -7.74 -35.00
C GLY A 57 -2.77 -8.94 -34.09
N ILE A 58 -3.42 -8.86 -32.94
CA ILE A 58 -3.57 -10.05 -32.07
C ILE A 58 -4.55 -11.01 -32.74
N PRO A 59 -4.27 -12.32 -32.82
CA PRO A 59 -5.19 -13.24 -33.49
C PRO A 59 -6.59 -13.28 -32.85
N SER A 60 -7.59 -13.68 -33.65
CA SER A 60 -9.06 -13.70 -33.36
C SER A 60 -9.40 -14.76 -32.31
N ARG A 61 -8.53 -15.75 -32.14
CA ARG A 61 -8.76 -16.82 -31.16
C ARG A 61 -8.69 -16.26 -29.74
N PHE A 62 -8.29 -14.98 -29.55
CA PHE A 62 -8.14 -14.32 -28.22
C PHE A 62 -9.18 -13.22 -28.08
N SER A 63 -9.82 -13.17 -26.91
CA SER A 63 -10.97 -12.25 -26.68
C SER A 63 -11.21 -12.06 -25.17
N GLY A 64 -11.74 -10.88 -24.79
CA GLY A 64 -11.91 -10.55 -23.37
C GLY A 64 -13.30 -10.13 -23.05
N SER A 65 -13.70 -10.34 -21.80
CA SER A 65 -15.08 -10.22 -21.28
C SER A 65 -14.99 -9.83 -19.81
N GLY A 66 -15.86 -8.94 -19.32
CA GLY A 66 -15.92 -8.70 -17.87
C GLY A 66 -16.12 -7.24 -17.52
N SER A 67 -16.41 -6.99 -16.25
CA SER A 67 -16.55 -5.66 -15.62
C SER A 67 -16.76 -5.85 -14.12
N GLY A 68 -16.28 -4.89 -13.33
CA GLY A 68 -16.41 -4.90 -11.87
C GLY A 68 -15.26 -5.65 -11.28
N THR A 69 -15.44 -6.92 -10.94
CA THR A 69 -14.40 -7.74 -10.27
C THR A 69 -14.09 -9.04 -11.00
N ASP A 70 -14.92 -9.52 -11.93
CA ASP A 70 -14.74 -10.84 -12.58
C ASP A 70 -14.39 -10.66 -14.06
N PHE A 71 -13.20 -11.10 -14.46
CA PHE A 71 -12.68 -10.91 -15.83
C PHE A 71 -12.19 -12.25 -16.36
N THR A 72 -12.36 -12.43 -17.67
CA THR A 72 -12.09 -13.68 -18.41
C THR A 72 -11.38 -13.33 -19.72
N LEU A 73 -10.15 -13.79 -19.85
CA LEU A 73 -9.50 -13.89 -21.16
C LEU A 73 -9.82 -15.30 -21.66
N SER A 74 -9.96 -15.45 -22.98
CA SER A 74 -10.62 -16.60 -23.62
C SER A 74 -9.94 -16.93 -24.93
N ILE A 75 -9.50 -18.17 -25.08
CA ILE A 75 -8.85 -18.68 -26.32
C ILE A 75 -9.81 -19.74 -26.83
N ASN A 76 -10.55 -19.46 -27.91
CA ASN A 76 -11.73 -20.31 -28.26
C ASN A 76 -11.19 -21.64 -28.76
N SER A 77 -10.04 -21.62 -29.44
CA SER A 77 -9.28 -22.84 -29.77
C SER A 77 -7.78 -22.56 -29.69
N VAL A 78 -7.15 -23.08 -28.63
CA VAL A 78 -5.71 -22.86 -28.31
C VAL A 78 -4.86 -23.54 -29.34
N GLU A 79 -3.90 -22.78 -29.85
CA GLU A 79 -2.88 -23.29 -30.77
C GLU A 79 -1.63 -23.63 -29.96
N THR A 80 -0.63 -24.13 -30.67
CA THR A 80 0.65 -24.60 -30.11
C THR A 80 1.50 -23.39 -29.72
N GLU A 81 1.35 -22.29 -30.45
CA GLU A 81 2.17 -21.08 -30.16
C GLU A 81 1.64 -20.44 -28.88
N ASP A 82 0.69 -21.03 -28.15
CA ASP A 82 -0.08 -20.26 -27.12
C ASP A 82 0.43 -20.53 -25.71
N PHE A 83 1.50 -21.27 -25.50
CA PHE A 83 2.06 -21.42 -24.12
C PHE A 83 2.57 -20.07 -23.63
N GLY A 84 2.64 -19.91 -22.32
CA GLY A 84 3.24 -18.73 -21.68
C GLY A 84 2.48 -18.27 -20.46
N MET A 85 2.71 -17.02 -20.07
CA MET A 85 2.14 -16.38 -18.87
C MET A 85 1.15 -15.34 -19.34
N TYR A 86 -0.09 -15.47 -18.88
CA TYR A 86 -1.21 -14.54 -19.11
C TYR A 86 -1.36 -13.74 -17.82
N PHE A 87 -1.42 -12.44 -18.02
CA PHE A 87 -1.25 -11.42 -16.95
C PHE A 87 -2.36 -10.42 -17.16
N CYS A 88 -3.16 -10.21 -16.11
CA CYS A 88 -4.13 -9.10 -16.06
C CYS A 88 -3.56 -7.97 -15.21
N GLN A 89 -3.59 -6.75 -15.74
CA GLN A 89 -3.28 -5.52 -14.99
C GLN A 89 -4.52 -4.64 -14.92
N GLN A 90 -4.75 -3.97 -13.78
CA GLN A 90 -5.77 -2.89 -13.65
C GLN A 90 -5.11 -1.50 -13.68
N SER A 91 -5.87 -0.56 -14.21
CA SER A 91 -5.58 0.89 -14.21
C SER A 91 -6.81 1.62 -13.72
N ASN A 92 -7.56 1.03 -12.79
CA ASN A 92 -8.66 1.77 -12.15
C ASN A 92 -8.07 2.88 -11.29
N SER A 93 -7.13 2.60 -10.41
CA SER A 93 -6.70 3.59 -9.40
C SER A 93 -5.26 3.33 -9.01
N TRP A 94 -4.53 4.31 -8.46
CA TRP A 94 -3.07 4.14 -8.19
C TRP A 94 -2.90 3.41 -6.87
N PRO A 95 -2.02 2.41 -6.78
CA PRO A 95 -1.08 2.09 -7.85
C PRO A 95 -1.49 1.00 -8.84
N LEU A 96 -1.05 1.12 -10.09
CA LEU A 96 -1.25 0.07 -11.11
C LEU A 96 -0.83 -1.23 -10.46
N THR A 97 -1.59 -2.31 -10.67
CA THR A 97 -1.27 -3.62 -10.07
C THR A 97 -1.54 -4.70 -11.10
N PHE A 98 -0.68 -5.70 -11.12
CA PHE A 98 -0.82 -6.91 -11.96
C PHE A 98 -1.32 -8.09 -11.13
N GLY A 99 -1.59 -9.19 -11.85
CA GLY A 99 -1.87 -10.54 -11.33
C GLY A 99 -0.58 -11.32 -11.31
N ALA A 100 -0.54 -12.47 -10.64
CA ALA A 100 0.70 -13.27 -10.50
C ALA A 100 0.88 -14.21 -11.68
N GLY A 101 -0.09 -14.26 -12.62
CA GLY A 101 -0.02 -15.11 -13.83
C GLY A 101 -0.84 -16.38 -13.74
N THR A 102 -1.45 -16.76 -14.86
CA THR A 102 -1.82 -18.15 -15.18
C THR A 102 -0.76 -18.66 -16.18
N LYS A 103 -0.13 -19.77 -15.85
CA LYS A 103 0.96 -20.37 -16.66
C LYS A 103 0.30 -21.42 -17.52
N LEU A 104 0.25 -21.18 -18.83
CA LEU A 104 -0.53 -22.00 -19.79
C LEU A 104 0.46 -22.95 -20.45
N GLU A 105 0.27 -24.24 -20.24
CA GLU A 105 1.19 -25.27 -20.77
C GLU A 105 0.38 -26.22 -21.67
N LEU A 106 0.88 -26.51 -22.87
CA LEU A 106 0.23 -27.39 -23.88
C LEU A 106 0.57 -28.85 -23.70
N ARG A 107 -0.41 -29.72 -23.98
CA ARG A 107 -0.21 -31.16 -24.11
C ARG A 107 0.16 -31.54 -25.54
N ARG A 108 0.70 -32.76 -25.64
CA ARG A 108 1.24 -33.46 -26.83
C ARG A 108 1.53 -34.87 -26.39
N ALA A 109 1.56 -35.82 -27.31
CA ALA A 109 1.94 -37.22 -27.03
C ALA A 109 3.03 -37.18 -25.96
N ASP A 110 3.12 -38.21 -25.12
CA ASP A 110 4.29 -38.36 -24.22
C ASP A 110 5.53 -38.54 -25.09
N ALA A 111 6.69 -38.31 -24.47
CA ALA A 111 8.03 -38.53 -25.04
C ALA A 111 9.02 -38.76 -23.90
N ALA A 112 9.63 -39.95 -23.83
CA ALA A 112 10.76 -40.16 -22.92
C ALA A 112 11.94 -39.34 -23.46
N PRO A 113 12.80 -38.84 -22.56
CA PRO A 113 13.92 -38.00 -22.96
C PRO A 113 15.06 -38.75 -23.65
N THR A 114 15.64 -38.20 -24.72
CA THR A 114 16.94 -38.66 -25.30
C THR A 114 18.08 -38.31 -24.34
N VAL A 115 18.69 -39.29 -23.66
CA VAL A 115 19.68 -39.04 -22.56
C VAL A 115 21.12 -39.22 -23.07
N SER A 116 21.95 -38.18 -22.90
CA SER A 116 23.37 -38.13 -23.34
C SER A 116 24.24 -37.80 -22.12
N ILE A 117 25.34 -38.55 -21.96
CA ILE A 117 26.36 -38.34 -20.90
C ILE A 117 27.68 -37.93 -21.57
N PHE A 118 28.49 -37.19 -20.80
CA PHE A 118 29.70 -36.43 -21.21
C PHE A 118 30.61 -36.33 -20.00
N PRO A 119 31.76 -37.06 -19.96
CA PRO A 119 32.75 -36.88 -18.90
C PRO A 119 33.39 -35.49 -18.93
N PRO A 120 34.44 -35.25 -18.11
CA PRO A 120 35.14 -33.98 -18.13
C PRO A 120 35.97 -33.84 -19.41
N SER A 121 36.07 -32.63 -19.97
CA SER A 121 37.03 -32.30 -21.06
C SER A 121 38.47 -32.44 -20.55
N SER A 122 39.39 -32.79 -21.43
CA SER A 122 40.85 -32.70 -21.14
C SER A 122 41.17 -31.30 -20.56
N GLU A 123 40.45 -30.26 -21.01
CA GLU A 123 40.74 -28.85 -20.63
C GLU A 123 40.40 -28.63 -19.16
N GLN A 124 39.17 -28.94 -18.78
CA GLN A 124 38.71 -28.80 -17.36
C GLN A 124 39.63 -29.61 -16.45
N LEU A 125 40.08 -30.79 -16.87
CA LEU A 125 40.95 -31.66 -16.07
C LEU A 125 42.34 -31.02 -15.90
N THR A 126 42.81 -30.23 -16.89
CA THR A 126 44.12 -29.52 -16.80
C THR A 126 43.94 -28.16 -16.12
N SER A 127 42.84 -27.94 -15.38
CA SER A 127 42.75 -26.89 -14.34
C SER A 127 42.32 -27.52 -13.00
N GLY A 128 42.51 -28.83 -12.85
CA GLY A 128 42.14 -29.59 -11.63
C GLY A 128 40.68 -29.43 -11.27
N GLY A 129 39.77 -29.56 -12.25
CA GLY A 129 38.31 -29.62 -12.02
C GLY A 129 37.67 -30.72 -12.84
N ALA A 130 36.60 -31.33 -12.33
CA ALA A 130 35.91 -32.46 -12.99
C ALA A 130 34.40 -32.24 -12.98
N SER A 131 33.78 -32.07 -14.16
CA SER A 131 32.31 -31.91 -14.33
C SER A 131 31.82 -33.00 -15.28
N VAL A 132 30.91 -33.83 -14.78
CA VAL A 132 30.11 -34.81 -15.58
C VAL A 132 28.82 -34.11 -15.97
N VAL A 133 28.53 -34.04 -17.27
CA VAL A 133 27.35 -33.32 -17.82
C VAL A 133 26.43 -34.31 -18.50
N CYS A 134 25.16 -34.30 -18.09
CA CYS A 134 24.04 -35.16 -18.57
C CYS A 134 22.96 -34.26 -19.17
N PHE A 135 22.68 -34.37 -20.47
CA PHE A 135 21.50 -33.77 -21.11
C PHE A 135 20.38 -34.83 -21.17
N LEU A 136 19.19 -34.51 -20.65
CA LEU A 136 17.93 -35.24 -20.99
C LEU A 136 17.06 -34.31 -21.86
N ASN A 137 16.84 -34.64 -23.14
CA ASN A 137 16.31 -33.71 -24.16
C ASN A 137 14.96 -34.17 -24.76
N ASN A 138 14.01 -33.22 -24.92
CA ASN A 138 12.78 -33.35 -25.76
C ASN A 138 11.83 -34.38 -25.17
N PHE A 139 11.55 -34.26 -23.87
CA PHE A 139 10.59 -35.15 -23.17
C PHE A 139 9.30 -34.37 -22.89
N TYR A 140 8.21 -35.10 -22.63
CA TYR A 140 6.93 -34.58 -22.11
C TYR A 140 6.29 -35.70 -21.31
N PRO A 141 5.63 -35.44 -20.16
CA PRO A 141 5.44 -34.10 -19.58
C PRO A 141 6.68 -33.61 -18.82
N LYS A 142 6.64 -32.39 -18.27
CA LYS A 142 7.88 -31.64 -17.95
C LYS A 142 8.51 -32.20 -16.67
N ASP A 143 7.72 -32.78 -15.75
CA ASP A 143 8.22 -33.19 -14.41
C ASP A 143 9.15 -34.38 -14.60
N ILE A 144 10.32 -34.33 -13.95
CA ILE A 144 11.45 -35.28 -14.21
C ILE A 144 12.42 -35.18 -13.05
N ASN A 145 13.06 -36.29 -12.72
CA ASN A 145 13.88 -36.43 -11.51
C ASN A 145 15.20 -37.06 -11.91
N VAL A 146 16.30 -36.28 -11.80
CA VAL A 146 17.70 -36.75 -12.01
C VAL A 146 18.37 -37.00 -10.66
N LYS A 147 19.24 -38.00 -10.65
CA LYS A 147 19.97 -38.52 -9.48
C LYS A 147 21.30 -39.04 -9.99
N TRP A 148 22.38 -38.68 -9.28
CA TRP A 148 23.78 -39.04 -9.64
C TRP A 148 24.30 -40.11 -8.69
N LYS A 149 25.10 -41.02 -9.23
CA LYS A 149 25.76 -42.12 -8.49
C LYS A 149 27.21 -42.19 -9.00
N ILE A 150 28.15 -42.17 -8.07
CA ILE A 150 29.62 -42.38 -8.30
C ILE A 150 29.95 -43.74 -7.68
N ASP A 151 30.15 -44.77 -8.52
CA ASP A 151 30.61 -46.14 -8.13
C ASP A 151 29.58 -46.79 -7.20
N GLY A 152 28.29 -46.72 -7.55
CA GLY A 152 27.24 -47.60 -7.02
C GLY A 152 26.14 -46.84 -6.30
N SER A 153 26.53 -45.84 -5.47
CA SER A 153 25.71 -45.20 -4.39
C SER A 153 25.62 -43.69 -4.60
N GLU A 154 24.56 -43.05 -4.08
CA GLU A 154 24.02 -41.72 -4.47
C GLU A 154 24.94 -40.54 -4.09
N ARG A 155 25.10 -39.58 -4.99
CA ARG A 155 25.81 -38.31 -4.72
C ARG A 155 24.87 -37.11 -4.93
N GLN A 156 24.66 -36.31 -3.88
CA GLN A 156 23.80 -35.09 -3.86
C GLN A 156 24.68 -33.86 -4.14
N ASN A 157 25.69 -33.62 -3.31
CA ASN A 157 26.55 -32.40 -3.34
C ASN A 157 27.21 -32.19 -4.70
N GLY A 158 27.23 -30.97 -5.21
CA GLY A 158 28.03 -30.62 -6.41
C GLY A 158 27.20 -30.62 -7.67
N VAL A 159 25.93 -31.00 -7.52
CA VAL A 159 24.97 -31.20 -8.62
C VAL A 159 24.33 -29.87 -8.92
N LEU A 160 24.21 -29.53 -10.20
CA LEU A 160 23.53 -28.31 -10.73
C LEU A 160 22.64 -28.65 -11.94
N ASN A 161 21.33 -28.49 -11.71
CA ASN A 161 20.23 -28.74 -12.65
C ASN A 161 19.79 -27.42 -13.30
N SER A 162 19.45 -27.45 -14.58
CA SER A 162 18.70 -26.38 -15.29
C SER A 162 17.73 -26.99 -16.26
N TRP A 163 16.75 -26.19 -16.69
CA TRP A 163 15.57 -26.60 -17.48
C TRP A 163 15.20 -25.55 -18.53
N THR A 164 14.77 -25.95 -19.71
CA THR A 164 14.20 -25.00 -20.70
C THR A 164 12.70 -24.82 -20.45
N ASP A 165 12.14 -23.68 -20.87
CA ASP A 165 10.67 -23.49 -20.88
C ASP A 165 10.18 -24.49 -21.92
N GLN A 166 8.86 -24.64 -22.06
CA GLN A 166 8.27 -25.58 -23.03
C GLN A 166 8.55 -25.07 -24.43
N ASP A 167 8.87 -25.97 -25.35
CA ASP A 167 9.31 -25.59 -26.71
C ASP A 167 8.13 -25.07 -27.53
N SER A 168 8.44 -24.15 -28.46
CA SER A 168 7.50 -23.49 -29.41
C SER A 168 6.70 -24.50 -30.26
N LYS A 169 7.42 -25.49 -30.81
CA LYS A 169 7.01 -26.25 -32.03
C LYS A 169 6.56 -27.65 -31.63
N ASP A 170 7.46 -28.42 -31.01
CA ASP A 170 7.16 -29.81 -30.60
C ASP A 170 6.58 -29.84 -29.17
N SER A 171 6.55 -28.71 -28.45
CA SER A 171 5.87 -28.56 -27.14
C SER A 171 6.58 -29.41 -26.09
N THR A 172 7.86 -29.70 -26.29
CA THR A 172 8.65 -30.57 -25.39
C THR A 172 9.60 -29.76 -24.51
N TYR A 173 10.15 -30.42 -23.51
CA TYR A 173 11.03 -29.84 -22.50
C TYR A 173 12.39 -30.53 -22.56
N SER A 174 13.38 -29.92 -21.92
CA SER A 174 14.80 -30.35 -21.91
C SER A 174 15.43 -29.97 -20.57
N MET A 175 16.41 -30.73 -20.14
CA MET A 175 17.07 -30.50 -18.84
C MET A 175 18.55 -30.76 -19.08
N SER A 176 19.39 -30.02 -18.36
CA SER A 176 20.82 -30.31 -18.17
C SER A 176 21.01 -30.59 -16.68
N SER A 177 21.84 -31.58 -16.36
CA SER A 177 22.34 -31.85 -14.99
C SER A 177 23.86 -31.95 -15.09
N THR A 178 24.59 -31.36 -14.14
CA THR A 178 26.08 -31.31 -14.14
C THR A 178 26.52 -31.68 -12.74
N LEU A 179 27.28 -32.78 -12.60
CA LEU A 179 27.94 -33.17 -11.33
C LEU A 179 29.38 -32.67 -11.36
N THR A 180 29.77 -31.82 -10.40
CA THR A 180 31.16 -31.28 -10.30
C THR A 180 31.88 -31.82 -9.07
N LEU A 181 33.04 -32.42 -9.34
CA LEU A 181 33.98 -33.03 -8.36
C LEU A 181 35.32 -32.32 -8.42
N THR A 182 36.21 -32.74 -7.51
CA THR A 182 37.65 -32.44 -7.53
C THR A 182 38.31 -33.46 -8.45
N LYS A 183 39.26 -33.06 -9.29
CA LYS A 183 40.04 -33.99 -10.14
C LYS A 183 40.46 -35.22 -9.34
N ASP A 184 40.85 -35.04 -8.08
CA ASP A 184 41.17 -36.13 -7.12
C ASP A 184 39.94 -37.03 -7.00
N GLU A 185 38.88 -36.53 -6.38
CA GLU A 185 37.65 -37.33 -6.16
C GLU A 185 37.16 -37.90 -7.49
N TYR A 186 37.44 -37.24 -8.64
CA TYR A 186 37.07 -37.78 -9.98
C TYR A 186 37.79 -39.10 -10.19
N GLU A 187 39.11 -39.05 -10.33
CA GLU A 187 39.90 -40.27 -10.64
C GLU A 187 40.28 -40.98 -9.33
N ARG A 188 39.48 -40.87 -8.27
CA ARG A 188 39.57 -41.79 -7.09
C ARG A 188 38.48 -42.86 -7.26
N HIS A 189 37.67 -42.72 -8.32
CA HIS A 189 36.43 -43.50 -8.63
C HIS A 189 36.44 -43.86 -10.12
N ASN A 190 35.48 -44.67 -10.56
CA ASN A 190 35.51 -45.38 -11.86
C ASN A 190 34.18 -45.22 -12.61
N SER A 191 33.06 -45.59 -11.97
CA SER A 191 31.68 -45.61 -12.53
C SER A 191 30.90 -44.33 -12.17
N TYR A 192 30.39 -43.64 -13.19
CA TYR A 192 29.58 -42.40 -13.10
C TYR A 192 28.21 -42.62 -13.74
N THR A 193 27.16 -42.34 -12.97
CA THR A 193 25.76 -42.76 -13.25
C THR A 193 24.80 -41.55 -13.14
N CYS A 194 24.03 -41.35 -14.19
CA CYS A 194 22.99 -40.30 -14.32
C CYS A 194 21.63 -41.01 -14.49
N GLU A 195 20.95 -41.27 -13.37
CA GLU A 195 19.63 -41.97 -13.22
C GLU A 195 18.49 -40.97 -13.40
N ALA A 196 17.55 -41.17 -14.32
CA ALA A 196 16.47 -40.19 -14.57
C ALA A 196 15.11 -40.86 -14.46
N THR A 197 14.14 -40.12 -13.96
CA THR A 197 12.85 -40.64 -13.41
C THR A 197 11.71 -39.82 -14.03
N HIS A 198 10.98 -40.45 -14.96
CA HIS A 198 9.95 -39.81 -15.82
C HIS A 198 8.70 -40.69 -15.92
N LYS A 199 7.54 -40.10 -16.18
CA LYS A 199 6.22 -40.75 -16.32
C LYS A 199 6.26 -41.83 -17.42
N THR A 200 7.03 -41.59 -18.49
CA THR A 200 7.20 -42.52 -19.62
C THR A 200 7.69 -43.92 -19.22
N SER A 201 8.03 -44.20 -17.95
CA SER A 201 8.69 -45.47 -17.53
C SER A 201 8.79 -45.58 -15.99
N THR A 202 8.44 -46.72 -15.40
CA THR A 202 8.40 -46.84 -13.91
C THR A 202 9.82 -47.01 -13.39
N SER A 203 10.58 -48.01 -13.84
CA SER A 203 12.02 -48.10 -13.50
C SER A 203 12.69 -46.94 -14.21
N PRO A 204 13.78 -46.37 -13.62
CA PRO A 204 14.43 -45.18 -14.19
C PRO A 204 15.25 -45.36 -15.48
N ILE A 205 15.53 -44.24 -16.14
CA ILE A 205 16.36 -44.13 -17.37
C ILE A 205 17.76 -43.73 -16.95
N VAL A 206 18.68 -44.68 -17.13
CA VAL A 206 20.05 -44.70 -16.54
C VAL A 206 21.07 -44.55 -17.68
N LYS A 207 21.91 -43.50 -17.66
CA LYS A 207 23.09 -43.40 -18.57
C LYS A 207 24.39 -43.48 -17.75
N SER A 208 25.44 -44.07 -18.32
CA SER A 208 26.71 -44.41 -17.60
C SER A 208 27.93 -44.44 -18.52
N PHE A 209 29.10 -44.48 -17.87
CA PHE A 209 30.46 -44.60 -18.48
C PHE A 209 31.45 -44.97 -17.35
N ASN A 210 32.64 -45.43 -17.73
CA ASN A 210 33.77 -45.65 -16.80
C ASN A 210 35.00 -44.95 -17.37
N ARG A 211 35.88 -44.46 -16.48
CA ARG A 211 37.07 -43.66 -16.86
C ARG A 211 38.00 -44.51 -17.75
N ASN A 212 38.28 -45.75 -17.35
CA ASN A 212 39.03 -46.74 -18.18
C ASN A 212 38.38 -46.83 -19.58
N GLU A 213 39.04 -46.27 -20.59
CA GLU A 213 38.67 -46.40 -22.03
C GLU A 213 39.89 -46.06 -22.90
N GLN B 1 8.11 3.90 -37.12
CA GLN B 1 8.73 2.82 -36.33
C GLN B 1 8.88 3.32 -34.87
N ILE B 2 7.78 3.38 -34.10
CA ILE B 2 7.79 3.77 -32.65
C ILE B 2 8.58 2.73 -31.85
N GLN B 3 9.47 3.13 -30.96
CA GLN B 3 10.37 2.16 -30.27
C GLN B 3 10.91 2.73 -28.97
N LEU B 4 11.09 1.88 -27.96
CA LEU B 4 11.68 2.25 -26.66
C LEU B 4 12.95 1.41 -26.48
N GLN B 5 14.13 2.04 -26.50
CA GLN B 5 15.40 1.30 -26.50
C GLN B 5 16.03 1.51 -25.14
N GLN B 6 15.93 0.54 -24.23
CA GLN B 6 16.46 0.63 -22.86
C GLN B 6 17.96 0.33 -22.84
N SER B 7 18.66 0.76 -21.80
CA SER B 7 20.12 0.54 -21.65
C SER B 7 20.39 -0.91 -21.26
N GLY B 8 21.65 -1.28 -21.38
CA GLY B 8 22.15 -2.64 -21.18
C GLY B 8 22.19 -3.03 -19.71
N PRO B 9 22.54 -4.30 -19.45
CA PRO B 9 22.58 -4.83 -18.09
C PRO B 9 23.81 -4.32 -17.32
N GLU B 10 23.62 -4.29 -16.00
CA GLU B 10 24.42 -3.54 -15.03
C GLU B 10 24.65 -4.39 -13.79
N LEU B 11 25.89 -4.79 -13.54
CA LEU B 11 26.34 -5.28 -12.22
C LEU B 11 26.50 -4.06 -11.35
N VAL B 12 26.05 -4.10 -10.10
CA VAL B 12 26.14 -2.91 -9.20
C VAL B 12 26.27 -3.35 -7.77
N LYS B 13 27.09 -2.66 -6.97
CA LYS B 13 27.35 -3.07 -5.57
C LYS B 13 26.14 -2.67 -4.73
N PRO B 14 25.73 -3.48 -3.72
CA PRO B 14 24.70 -3.05 -2.78
C PRO B 14 25.18 -1.79 -2.08
N GLY B 15 24.29 -0.82 -1.87
CA GLY B 15 24.64 0.50 -1.32
C GLY B 15 24.73 1.55 -2.42
N ALA B 16 25.17 1.13 -3.61
CA ALA B 16 25.35 2.01 -4.79
C ALA B 16 23.99 2.38 -5.39
N SER B 17 24.01 3.21 -6.42
CA SER B 17 22.84 3.60 -7.24
C SER B 17 23.11 3.31 -8.71
N VAL B 18 22.06 3.34 -9.51
CA VAL B 18 22.12 3.11 -10.97
C VAL B 18 21.20 4.11 -11.63
N LYS B 19 21.50 4.39 -12.89
CA LYS B 19 20.62 5.14 -13.79
C LYS B 19 20.29 4.13 -14.87
N ILE B 20 19.05 4.01 -15.29
CA ILE B 20 18.65 3.14 -16.43
C ILE B 20 18.12 4.10 -17.49
N SER B 21 18.24 3.74 -18.78
CA SER B 21 17.82 4.56 -19.93
C SER B 21 16.58 3.98 -20.63
N CYS B 22 15.84 4.85 -21.30
CA CYS B 22 14.72 4.54 -22.22
C CYS B 22 14.72 5.60 -23.32
N LYS B 23 15.51 5.45 -24.36
CA LYS B 23 15.54 6.38 -25.51
C LYS B 23 14.32 6.09 -26.36
N ALA B 24 13.45 7.06 -26.59
CA ALA B 24 12.20 6.90 -27.37
C ALA B 24 12.34 7.47 -28.78
N SER B 25 11.75 6.84 -29.77
CA SER B 25 11.81 7.29 -31.17
C SER B 25 10.44 7.21 -31.87
N GLY B 26 10.29 7.94 -32.97
CA GLY B 26 9.17 7.88 -33.94
C GLY B 26 7.82 8.29 -33.36
N TYR B 27 7.81 9.14 -32.35
CA TYR B 27 6.61 9.87 -31.87
C TYR B 27 7.09 11.01 -31.00
N THR B 28 6.42 12.17 -30.96
CA THR B 28 6.86 13.33 -30.15
C THR B 28 6.96 12.91 -28.67
N PHE B 29 8.17 12.58 -28.21
CA PHE B 29 8.46 11.99 -26.87
C PHE B 29 7.74 12.74 -25.76
N THR B 30 7.53 14.06 -25.88
CA THR B 30 7.01 14.96 -24.81
C THR B 30 5.49 14.88 -24.64
N ASP B 31 4.77 14.19 -25.54
CA ASP B 31 3.29 14.21 -25.54
C ASP B 31 2.68 13.05 -24.76
N PHE B 32 3.47 12.15 -24.16
CA PHE B 32 2.85 10.94 -23.57
C PHE B 32 3.49 10.53 -22.25
N TYR B 33 2.64 10.19 -21.27
CA TYR B 33 3.03 9.55 -20.00
C TYR B 33 3.98 8.38 -20.32
N ILE B 34 4.88 8.09 -19.39
CA ILE B 34 5.78 6.90 -19.42
C ILE B 34 5.71 6.18 -18.08
N ASN B 35 5.69 4.86 -18.05
CA ASN B 35 5.65 4.12 -16.76
C ASN B 35 6.91 3.29 -16.70
N TRP B 36 7.29 2.92 -15.48
CA TRP B 36 8.48 2.11 -15.21
C TRP B 36 7.99 0.93 -14.40
N MET B 37 8.43 -0.28 -14.74
CA MET B 37 7.90 -1.53 -14.16
C MET B 37 9.08 -2.36 -13.67
N LYS B 38 8.88 -3.12 -12.60
CA LYS B 38 9.90 -4.06 -12.06
C LYS B 38 9.35 -5.46 -12.21
N GLN B 39 10.16 -6.45 -12.61
CA GLN B 39 9.74 -7.87 -12.58
C GLN B 39 10.90 -8.78 -12.18
N ARG B 40 10.67 -9.64 -11.17
CA ARG B 40 11.69 -10.61 -10.69
C ARG B 40 11.31 -11.97 -11.25
N PRO B 41 12.29 -12.88 -11.51
CA PRO B 41 12.08 -14.13 -12.25
C PRO B 41 10.72 -14.84 -12.19
N GLY B 42 10.23 -15.15 -10.99
CA GLY B 42 9.07 -16.05 -10.85
C GLY B 42 7.75 -15.34 -10.55
N GLN B 43 7.48 -14.16 -11.09
CA GLN B 43 6.52 -13.25 -10.40
C GLN B 43 5.80 -12.29 -11.33
N GLY B 44 4.71 -11.71 -10.82
CA GLY B 44 4.02 -10.58 -11.44
C GLY B 44 4.93 -9.36 -11.57
N LEU B 45 4.46 -8.33 -12.27
CA LEU B 45 5.21 -7.07 -12.41
C LEU B 45 4.63 -6.13 -11.37
N GLU B 46 5.40 -5.12 -10.98
CA GLU B 46 4.93 -4.05 -10.10
C GLU B 46 5.23 -2.77 -10.83
N TRP B 47 4.39 -1.79 -10.63
CA TRP B 47 4.60 -0.42 -11.15
C TRP B 47 5.39 0.38 -10.12
N ILE B 48 6.41 1.08 -10.60
CA ILE B 48 7.31 1.98 -9.81
C ILE B 48 6.69 3.38 -9.82
N GLY B 49 6.39 3.90 -11.02
CA GLY B 49 5.82 5.24 -11.17
C GLY B 49 5.80 5.73 -12.61
N TRP B 50 5.15 6.87 -12.84
CA TRP B 50 5.22 7.55 -14.17
C TRP B 50 5.90 8.90 -14.04
N ILE B 51 6.42 9.39 -15.16
CA ILE B 51 6.79 10.80 -15.40
C ILE B 51 6.03 11.28 -16.65
N PHE B 52 5.73 12.57 -16.73
CA PHE B 52 5.26 13.23 -17.97
C PHE B 52 6.43 14.02 -18.54
N PRO B 53 7.06 13.52 -19.64
CA PRO B 53 8.25 14.14 -20.19
C PRO B 53 8.11 15.64 -20.46
N GLY B 54 6.97 16.10 -20.94
CA GLY B 54 6.83 17.51 -21.36
C GLY B 54 6.96 18.51 -20.22
N SER B 55 6.99 18.04 -18.97
CA SER B 55 6.89 18.83 -17.72
C SER B 55 7.74 18.20 -16.62
N GLY B 56 7.99 16.91 -16.72
CA GLY B 56 8.76 16.13 -15.75
C GLY B 56 7.99 15.86 -14.49
N ASN B 57 6.66 16.03 -14.48
CA ASN B 57 5.81 15.69 -13.30
C ASN B 57 5.84 14.17 -13.07
N THR B 58 5.78 13.73 -11.81
CA THR B 58 5.85 12.29 -11.49
C THR B 58 4.93 11.90 -10.34
N HIS B 59 4.32 10.72 -10.41
CA HIS B 59 3.71 9.98 -9.27
C HIS B 59 4.48 8.65 -9.14
N TYR B 60 4.57 8.14 -7.93
CA TYR B 60 5.30 6.89 -7.57
C TYR B 60 4.43 6.01 -6.68
N ASN B 61 4.63 4.69 -6.72
CA ASN B 61 3.97 3.73 -5.79
C ASN B 61 4.60 3.90 -4.41
N GLU B 62 3.84 4.25 -3.37
CA GLU B 62 4.35 4.31 -1.96
C GLU B 62 5.50 3.32 -1.75
N LYS B 63 5.24 2.07 -2.12
CA LYS B 63 6.20 0.95 -2.11
C LYS B 63 7.58 1.45 -2.56
N PHE B 64 7.69 2.25 -3.61
CA PHE B 64 8.98 2.58 -4.26
C PHE B 64 9.40 4.02 -4.02
N LYS B 65 8.88 4.67 -2.99
CA LYS B 65 8.88 6.16 -2.87
C LYS B 65 10.33 6.66 -2.83
N GLY B 66 11.07 6.29 -1.80
CA GLY B 66 12.47 6.73 -1.63
C GLY B 66 13.44 6.07 -2.60
N LYS B 67 13.02 5.02 -3.29
CA LYS B 67 13.91 4.16 -4.09
C LYS B 67 14.12 4.77 -5.45
N ALA B 68 13.02 5.01 -6.17
CA ALA B 68 13.06 5.39 -7.60
C ALA B 68 13.00 6.90 -7.69
N THR B 69 13.76 7.48 -8.61
CA THR B 69 13.52 8.86 -9.10
C THR B 69 13.49 8.83 -10.63
N LEU B 70 12.36 9.21 -11.19
CA LEU B 70 12.21 9.28 -12.65
C LEU B 70 12.53 10.72 -13.05
N ILE B 71 13.42 10.89 -14.00
CA ILE B 71 13.68 12.17 -14.68
C ILE B 71 13.66 11.90 -16.17
N VAL B 72 14.05 12.89 -17.00
CA VAL B 72 13.82 12.93 -18.47
C VAL B 72 14.78 13.95 -19.07
N ASP B 73 15.43 13.63 -20.20
CA ASP B 73 16.21 14.64 -20.99
C ASP B 73 15.54 14.84 -22.35
N THR B 74 14.58 15.74 -22.39
CA THR B 74 13.84 16.10 -23.61
C THR B 74 14.79 16.18 -24.82
N SER B 75 15.98 16.76 -24.68
CA SER B 75 16.83 17.09 -25.86
C SER B 75 17.30 15.84 -26.61
N SER B 76 17.46 14.70 -25.94
CA SER B 76 17.87 13.41 -26.54
C SER B 76 16.67 12.43 -26.50
N SER B 77 15.50 12.96 -26.16
CA SER B 77 14.22 12.22 -26.16
C SER B 77 14.46 10.89 -25.47
N THR B 78 14.94 10.91 -24.24
CA THR B 78 15.19 9.69 -23.44
C THR B 78 14.62 9.90 -22.04
N ALA B 79 14.43 8.80 -21.32
CA ALA B 79 13.92 8.80 -19.95
C ALA B 79 14.90 8.00 -19.11
N PHE B 80 15.08 8.40 -17.85
CA PHE B 80 15.94 7.71 -16.89
C PHE B 80 15.14 7.39 -15.63
N MET B 81 15.54 6.30 -15.01
CA MET B 81 15.12 5.97 -13.64
C MET B 81 16.40 5.74 -12.84
N GLN B 82 16.53 6.41 -11.70
CA GLN B 82 17.67 6.20 -10.78
C GLN B 82 17.07 5.50 -9.56
N LEU B 83 17.49 4.27 -9.33
CA LEU B 83 17.19 3.50 -8.11
C LEU B 83 18.29 3.87 -7.13
N ASN B 84 18.08 3.88 -5.83
CA ASN B 84 19.19 4.24 -4.92
C ASN B 84 19.18 3.37 -3.67
N SER B 85 20.30 3.40 -2.93
CA SER B 85 20.65 2.47 -1.84
C SER B 85 20.14 1.07 -2.23
N LEU B 86 20.83 0.38 -3.14
CA LEU B 86 20.39 -0.94 -3.71
C LEU B 86 20.66 -2.07 -2.72
N THR B 87 19.85 -3.13 -2.84
CA THR B 87 19.86 -4.39 -2.06
C THR B 87 19.56 -5.58 -2.98
N SER B 88 19.76 -6.81 -2.50
CA SER B 88 19.47 -8.08 -3.19
C SER B 88 18.02 -8.07 -3.71
N GLU B 89 17.07 -7.58 -2.90
CA GLU B 89 15.66 -7.40 -3.37
C GLU B 89 15.56 -6.41 -4.53
N ASP B 90 16.66 -5.85 -5.05
CA ASP B 90 16.58 -4.94 -6.22
C ASP B 90 17.01 -5.67 -7.48
N SER B 91 17.73 -6.79 -7.39
CA SER B 91 18.08 -7.47 -8.66
C SER B 91 16.76 -7.92 -9.29
N ALA B 92 16.50 -7.48 -10.53
CA ALA B 92 15.24 -7.75 -11.27
C ALA B 92 15.36 -7.19 -12.69
N VAL B 93 14.24 -7.20 -13.42
CA VAL B 93 14.16 -6.64 -14.80
C VAL B 93 13.35 -5.35 -14.73
N TYR B 94 13.80 -4.30 -15.44
CA TYR B 94 13.16 -2.98 -15.42
C TYR B 94 12.70 -2.66 -16.83
N PHE B 95 11.39 -2.49 -17.02
CA PHE B 95 10.75 -2.06 -18.29
C PHE B 95 10.20 -0.64 -18.14
N CYS B 96 10.52 0.22 -19.10
CA CYS B 96 9.75 1.47 -19.30
C CYS B 96 8.68 1.13 -20.34
N THR B 97 7.54 1.79 -20.28
CA THR B 97 6.43 1.54 -21.22
C THR B 97 5.57 2.79 -21.37
N ARG B 98 5.26 3.19 -22.60
CA ARG B 98 4.08 4.03 -22.92
C ARG B 98 2.87 3.23 -22.46
N PRO B 99 1.97 3.70 -21.58
CA PRO B 99 0.81 2.89 -21.16
C PRO B 99 -0.23 2.66 -22.27
N VAL B 100 -1.25 1.89 -21.94
CA VAL B 100 -2.37 1.52 -22.86
C VAL B 100 -3.46 2.57 -22.77
N SER B 101 -3.83 3.20 -23.89
CA SER B 101 -4.92 4.20 -23.91
C SER B 101 -6.12 3.65 -24.66
N TYR B 102 -7.31 4.08 -24.21
CA TYR B 102 -8.59 3.93 -24.93
C TYR B 102 -8.44 4.46 -26.35
N TYR B 103 -7.64 5.50 -26.54
CA TYR B 103 -7.57 6.33 -27.76
C TYR B 103 -6.46 5.86 -28.74
N TYR B 104 -5.64 4.88 -28.40
CA TYR B 104 -4.49 4.50 -29.28
C TYR B 104 -4.48 2.98 -29.45
N ASP B 105 -4.20 2.51 -30.65
CA ASP B 105 -4.43 1.10 -31.05
C ASP B 105 -3.54 0.18 -30.22
N PHE B 106 -2.35 0.61 -29.82
CA PHE B 106 -1.38 -0.24 -29.08
C PHE B 106 -0.75 0.49 -27.89
N ASP B 107 0.05 -0.24 -27.12
CA ASP B 107 1.00 0.32 -26.12
C ASP B 107 2.41 0.01 -26.60
N TYR B 108 3.43 0.27 -25.80
CA TYR B 108 4.85 0.16 -26.22
C TYR B 108 5.73 -0.07 -25.01
N TRP B 109 6.62 -1.06 -25.08
CA TRP B 109 7.53 -1.46 -23.99
C TRP B 109 8.95 -1.31 -24.50
N GLY B 110 9.86 -0.95 -23.60
CA GLY B 110 11.29 -1.25 -23.74
C GLY B 110 11.55 -2.75 -23.70
N GLN B 111 12.78 -3.14 -24.05
CA GLN B 111 13.20 -4.55 -24.10
C GLN B 111 13.52 -5.02 -22.67
N GLY B 112 13.41 -4.17 -21.66
CA GLY B 112 13.91 -4.52 -20.32
C GLY B 112 15.38 -4.14 -20.18
N THR B 113 15.80 -3.88 -18.94
CA THR B 113 17.20 -3.73 -18.49
C THR B 113 17.33 -4.63 -17.28
N THR B 114 18.41 -5.38 -17.12
CA THR B 114 18.58 -6.35 -15.99
C THR B 114 19.70 -5.90 -15.04
N LEU B 115 19.28 -5.39 -13.88
CA LEU B 115 20.11 -5.06 -12.70
C LEU B 115 20.51 -6.31 -11.92
N THR B 116 21.79 -6.39 -11.56
CA THR B 116 22.41 -7.45 -10.72
C THR B 116 23.05 -6.72 -9.53
N VAL B 117 22.57 -6.94 -8.32
CA VAL B 117 23.08 -6.25 -7.10
C VAL B 117 23.95 -7.22 -6.30
N SER B 118 25.27 -7.11 -6.41
CA SER B 118 26.22 -8.01 -5.71
C SER B 118 27.58 -7.35 -5.46
N SER B 119 28.32 -7.92 -4.52
CA SER B 119 29.73 -7.58 -4.21
C SER B 119 30.65 -8.44 -5.06
N ALA B 120 30.14 -9.48 -5.70
CA ALA B 120 30.93 -10.49 -6.41
C ALA B 120 31.67 -9.81 -7.56
N LYS B 121 32.93 -10.20 -7.74
CA LYS B 121 33.84 -9.59 -8.73
C LYS B 121 33.48 -10.21 -10.07
N THR B 122 33.45 -9.43 -11.17
CA THR B 122 33.24 -9.96 -12.54
C THR B 122 34.34 -11.01 -12.78
N THR B 123 34.06 -12.12 -13.44
CA THR B 123 35.06 -13.18 -13.74
C THR B 123 34.76 -13.77 -15.12
N ALA B 124 35.76 -13.86 -15.97
CA ALA B 124 35.60 -14.37 -17.35
C ALA B 124 35.48 -15.88 -17.28
N PRO B 125 34.67 -16.49 -18.17
CA PRO B 125 34.29 -17.89 -18.07
C PRO B 125 35.40 -18.75 -18.66
N SER B 126 35.60 -19.93 -18.11
CA SER B 126 36.24 -21.05 -18.82
C SER B 126 35.17 -21.70 -19.72
N VAL B 127 35.54 -22.17 -20.91
CA VAL B 127 34.60 -22.79 -21.89
C VAL B 127 35.15 -24.15 -22.32
N TYR B 128 34.55 -25.21 -21.80
CA TYR B 128 34.93 -26.62 -22.04
C TYR B 128 34.01 -27.19 -23.11
N PRO B 129 34.54 -27.78 -24.20
CA PRO B 129 33.73 -28.55 -25.14
C PRO B 129 33.39 -29.96 -24.62
N LEU B 130 32.17 -30.41 -24.86
CA LEU B 130 31.64 -31.73 -24.46
C LEU B 130 31.45 -32.59 -25.72
N ALA B 131 32.28 -33.64 -25.84
CA ALA B 131 32.29 -34.64 -26.93
C ALA B 131 31.65 -35.95 -26.46
N PRO B 132 31.13 -36.79 -27.38
CA PRO B 132 30.58 -38.10 -27.01
C PRO B 132 31.64 -39.04 -26.39
N VAL B 133 31.21 -40.02 -25.57
CA VAL B 133 32.07 -40.81 -24.63
C VAL B 133 33.12 -41.63 -25.41
N CYS B 134 32.90 -41.85 -26.71
CA CYS B 134 33.94 -42.28 -27.69
C CYS B 134 33.41 -42.06 -29.12
N GLY B 139 22.50 -45.29 -32.17
CA GLY B 139 23.05 -43.98 -32.56
C GLY B 139 22.86 -43.67 -34.05
N SER B 140 21.73 -43.04 -34.39
CA SER B 140 21.41 -42.44 -35.70
C SER B 140 21.71 -40.93 -35.64
N SER B 141 21.23 -40.26 -34.58
CA SER B 141 21.63 -38.88 -34.18
C SER B 141 22.87 -38.94 -33.29
N VAL B 142 23.68 -37.87 -33.30
CA VAL B 142 24.71 -37.59 -32.25
C VAL B 142 24.47 -36.20 -31.65
N THR B 143 24.63 -36.13 -30.33
CA THR B 143 24.46 -34.93 -29.49
C THR B 143 25.81 -34.56 -28.88
N LEU B 144 26.30 -33.37 -29.24
CA LEU B 144 27.51 -32.73 -28.68
C LEU B 144 27.02 -31.66 -27.73
N GLY B 145 27.95 -30.93 -27.13
CA GLY B 145 27.59 -29.83 -26.22
C GLY B 145 28.81 -29.06 -25.78
N CYS B 146 28.62 -28.15 -24.84
CA CYS B 146 29.48 -26.98 -24.57
C CYS B 146 29.17 -26.50 -23.16
N LEU B 147 30.09 -26.71 -22.25
CA LEU B 147 29.95 -26.25 -20.86
C LEU B 147 30.57 -24.85 -20.82
N VAL B 148 29.95 -23.93 -20.09
CA VAL B 148 30.44 -22.55 -19.86
C VAL B 148 30.39 -22.34 -18.35
N LYS B 149 31.54 -22.36 -17.70
CA LYS B 149 31.63 -22.52 -16.23
C LYS B 149 32.44 -21.38 -15.60
N GLY B 150 32.01 -20.93 -14.42
CA GLY B 150 32.79 -20.05 -13.51
C GLY B 150 32.85 -18.60 -13.95
N TYR B 151 31.72 -18.05 -14.43
CA TYR B 151 31.60 -16.63 -14.84
C TYR B 151 30.63 -15.89 -13.91
N PHE B 152 30.57 -14.56 -14.09
CA PHE B 152 29.69 -13.59 -13.40
C PHE B 152 30.05 -12.23 -13.97
N PRO B 153 29.10 -11.28 -14.15
CA PRO B 153 27.68 -11.51 -13.95
C PRO B 153 27.15 -12.18 -15.22
N GLU B 154 25.85 -12.50 -15.31
CA GLU B 154 25.18 -12.81 -16.59
C GLU B 154 25.21 -11.50 -17.37
N PRO B 155 24.90 -11.48 -18.69
CA PRO B 155 24.85 -12.69 -19.52
C PRO B 155 26.10 -13.19 -20.27
N VAL B 156 26.08 -14.47 -20.69
CA VAL B 156 26.84 -14.98 -21.85
C VAL B 156 25.88 -15.14 -23.03
N THR B 157 26.36 -14.90 -24.24
CA THR B 157 25.70 -15.25 -25.53
C THR B 157 26.43 -16.46 -26.12
N LEU B 158 25.70 -17.56 -26.35
CA LEU B 158 26.23 -18.80 -26.98
C LEU B 158 25.56 -19.00 -28.33
N THR B 159 26.33 -19.40 -29.33
CA THR B 159 25.83 -19.76 -30.69
C THR B 159 26.60 -20.99 -31.15
N TRP B 160 26.11 -21.71 -32.16
CA TRP B 160 26.87 -22.84 -32.76
C TRP B 160 27.28 -22.49 -34.19
N ASN B 161 28.58 -22.59 -34.47
CA ASN B 161 29.21 -22.27 -35.78
C ASN B 161 28.79 -20.85 -36.18
N SER B 162 29.35 -19.86 -35.51
CA SER B 162 29.02 -18.41 -35.62
C SER B 162 27.56 -18.22 -36.07
N GLY B 163 26.61 -18.89 -35.40
CA GLY B 163 25.17 -18.60 -35.52
C GLY B 163 24.46 -19.44 -36.59
N SER B 164 25.19 -20.02 -37.54
CA SER B 164 24.63 -20.82 -38.67
C SER B 164 23.65 -21.89 -38.16
N LEU B 165 24.08 -22.70 -37.18
CA LEU B 165 23.23 -23.82 -36.70
C LEU B 165 22.42 -23.38 -35.48
N SER B 166 21.09 -23.25 -35.66
CA SER B 166 20.18 -22.87 -34.56
C SER B 166 19.14 -23.97 -34.34
N SER B 167 18.83 -24.75 -35.39
CA SER B 167 17.84 -25.85 -35.31
C SER B 167 18.41 -27.00 -34.48
N GLY B 168 17.56 -27.69 -33.73
CA GLY B 168 18.05 -28.82 -32.90
C GLY B 168 19.11 -28.39 -31.91
N VAL B 169 19.06 -27.13 -31.46
CA VAL B 169 19.94 -26.58 -30.39
C VAL B 169 19.11 -26.38 -29.14
N HIS B 170 19.62 -26.80 -27.98
CA HIS B 170 19.05 -26.50 -26.65
C HIS B 170 20.11 -25.74 -25.83
N THR B 171 19.91 -24.44 -25.60
CA THR B 171 20.74 -23.64 -24.68
C THR B 171 19.92 -23.44 -23.41
N PHE B 172 20.48 -23.82 -22.26
CA PHE B 172 19.80 -23.86 -20.94
C PHE B 172 20.05 -22.57 -20.19
N PRO B 173 19.12 -22.15 -19.31
CA PRO B 173 19.38 -21.00 -18.43
C PRO B 173 20.68 -21.17 -17.65
N ALA B 174 21.34 -20.03 -17.38
CA ALA B 174 22.42 -19.87 -16.37
C ALA B 174 21.90 -20.23 -14.97
N VAL B 175 22.79 -20.67 -14.07
CA VAL B 175 22.47 -21.06 -12.65
C VAL B 175 23.62 -20.65 -11.71
N LEU B 176 23.36 -19.83 -10.67
CA LEU B 176 24.40 -19.38 -9.68
C LEU B 176 24.78 -20.55 -8.77
N GLN B 177 26.05 -20.62 -8.36
CA GLN B 177 26.56 -21.48 -7.26
C GLN B 177 27.72 -20.71 -6.57
N SER B 178 27.45 -20.17 -5.37
CA SER B 178 28.43 -19.36 -4.60
C SER B 178 29.14 -18.36 -5.53
N ASP B 179 28.37 -17.47 -6.18
CA ASP B 179 28.84 -16.27 -6.93
C ASP B 179 29.54 -16.67 -8.24
N LEU B 180 29.30 -17.87 -8.75
CA LEU B 180 29.72 -18.20 -10.13
C LEU B 180 28.55 -18.85 -10.86
N TYR B 181 28.51 -18.60 -12.16
CA TYR B 181 27.48 -19.07 -13.11
C TYR B 181 28.00 -20.26 -13.90
N THR B 182 27.23 -21.35 -13.94
CA THR B 182 27.32 -22.43 -14.95
C THR B 182 26.21 -22.21 -15.98
N LEU B 183 26.53 -22.24 -17.28
CA LEU B 183 25.57 -22.36 -18.41
C LEU B 183 26.04 -23.52 -19.28
N SER B 184 25.14 -24.10 -20.05
CA SER B 184 25.40 -25.30 -20.88
C SER B 184 24.52 -25.22 -22.12
N SER B 185 24.89 -25.92 -23.19
CA SER B 185 24.11 -25.94 -24.45
C SER B 185 24.42 -27.24 -25.19
N SER B 186 23.36 -27.94 -25.63
CA SER B 186 23.43 -29.21 -26.40
C SER B 186 23.08 -28.90 -27.85
N VAL B 187 23.65 -29.63 -28.80
CA VAL B 187 23.33 -29.50 -30.24
C VAL B 187 23.32 -30.91 -30.83
N THR B 188 22.19 -31.32 -31.41
CA THR B 188 21.91 -32.67 -31.93
C THR B 188 21.91 -32.59 -33.46
N VAL B 189 22.77 -33.38 -34.13
CA VAL B 189 22.90 -33.38 -35.62
C VAL B 189 23.05 -34.83 -36.11
N THR B 190 22.69 -35.10 -37.38
CA THR B 190 22.75 -36.46 -38.00
C THR B 190 24.17 -37.04 -37.80
N SER B 191 24.31 -38.37 -37.87
CA SER B 191 25.62 -39.06 -37.80
C SER B 191 26.52 -38.65 -38.97
N SER B 192 25.93 -38.33 -40.14
CA SER B 192 26.66 -37.99 -41.38
C SER B 192 27.36 -36.62 -41.25
N THR B 193 26.72 -35.63 -40.60
CA THR B 193 27.22 -34.22 -40.58
C THR B 193 28.45 -34.08 -39.68
N TRP B 194 28.49 -34.74 -38.53
CA TRP B 194 29.66 -34.70 -37.62
C TRP B 194 30.19 -36.11 -37.39
N PRO B 195 31.52 -36.33 -37.27
CA PRO B 195 32.54 -35.31 -37.49
C PRO B 195 32.90 -34.78 -38.89
N SER B 196 32.13 -35.07 -39.95
CA SER B 196 32.45 -34.53 -41.32
C SER B 196 32.78 -33.04 -41.22
N GLN B 197 31.78 -32.21 -40.91
CA GLN B 197 31.87 -30.73 -40.80
C GLN B 197 32.13 -30.36 -39.34
N SER B 198 32.96 -29.34 -39.10
CA SER B 198 33.37 -28.92 -37.73
C SER B 198 32.18 -28.27 -37.02
N ILE B 199 31.93 -28.71 -35.78
CA ILE B 199 31.00 -28.04 -34.84
C ILE B 199 31.85 -27.24 -33.85
N THR B 200 31.46 -25.99 -33.63
CA THR B 200 32.16 -24.99 -32.78
C THR B 200 31.11 -24.17 -32.02
N CYS B 201 31.11 -24.22 -30.68
CA CYS B 201 30.28 -23.31 -29.83
C CYS B 201 31.07 -22.01 -29.63
N ASN B 202 30.42 -20.86 -29.82
CA ASN B 202 30.96 -19.48 -29.69
C ASN B 202 30.34 -18.85 -28.45
N VAL B 203 31.17 -18.29 -27.57
CA VAL B 203 30.75 -17.83 -26.23
C VAL B 203 31.32 -16.43 -25.97
N ALA B 204 30.41 -15.45 -25.88
CA ALA B 204 30.68 -14.04 -25.58
C ALA B 204 30.24 -13.71 -24.13
N HIS B 205 31.14 -13.20 -23.30
CA HIS B 205 30.83 -12.61 -21.98
C HIS B 205 31.28 -11.14 -22.00
N PRO B 206 30.37 -10.22 -22.37
CA PRO B 206 30.77 -8.84 -22.62
C PRO B 206 31.30 -8.13 -21.36
N ALA B 207 30.97 -8.59 -20.15
CA ALA B 207 31.45 -7.99 -18.88
C ALA B 207 32.96 -8.16 -18.75
N SER B 208 33.53 -9.22 -19.34
CA SER B 208 35.00 -9.47 -19.40
C SER B 208 35.53 -9.27 -20.82
N SER B 209 34.72 -8.72 -21.74
CA SER B 209 35.16 -8.44 -23.12
C SER B 209 35.85 -9.70 -23.63
N THR B 210 35.14 -10.83 -23.52
CA THR B 210 35.71 -12.21 -23.68
C THR B 210 34.93 -12.92 -24.79
N LYS B 211 35.56 -13.20 -25.93
CA LYS B 211 35.02 -14.06 -27.02
C LYS B 211 35.86 -15.34 -27.07
N VAL B 212 35.23 -16.50 -27.12
CA VAL B 212 35.90 -17.82 -26.99
C VAL B 212 35.24 -18.82 -27.93
N ASP B 213 35.95 -19.27 -28.97
CA ASP B 213 35.50 -20.36 -29.88
C ASP B 213 36.18 -21.67 -29.45
N LYS B 214 35.39 -22.73 -29.25
CA LYS B 214 35.87 -24.11 -28.97
C LYS B 214 35.25 -25.04 -30.00
N LYS B 215 36.06 -25.65 -30.88
CA LYS B 215 35.62 -26.63 -31.91
C LYS B 215 35.54 -28.00 -31.24
N ILE B 216 34.33 -28.54 -31.11
CA ILE B 216 34.11 -29.91 -30.58
C ILE B 216 34.84 -30.86 -31.53
N GLU B 217 35.68 -31.73 -30.95
CA GLU B 217 36.42 -32.79 -31.69
C GLU B 217 36.44 -34.05 -30.81
N PRO B 218 36.59 -35.24 -31.42
CA PRO B 218 36.30 -36.50 -30.74
C PRO B 218 37.37 -36.94 -29.73
N ARG B 219 36.95 -37.48 -28.57
CA ARG B 219 37.81 -37.85 -27.40
C ARG B 219 38.82 -38.94 -27.77
N TYR C 7 -37.84 16.75 61.01
CA TYR C 7 -38.19 15.83 59.89
C TYR C 7 -37.25 16.07 58.69
N ILE C 8 -36.60 14.99 58.22
CA ILE C 8 -35.89 14.89 56.91
C ILE C 8 -36.27 13.53 56.27
N TYR C 9 -36.61 13.52 54.98
CA TYR C 9 -37.20 12.36 54.25
C TYR C 9 -36.34 11.09 54.38
N GLN C 10 -35.01 11.24 54.43
CA GLN C 10 -34.02 10.13 54.47
C GLN C 10 -34.25 9.25 55.70
N ASP C 11 -34.70 9.85 56.80
CA ASP C 11 -34.86 9.21 58.14
C ASP C 11 -35.70 7.92 58.01
N SER C 12 -36.70 7.90 57.12
CA SER C 12 -37.55 6.71 56.84
C SER C 12 -37.08 6.02 55.55
N ILE C 13 -35.79 5.69 55.47
CA ILE C 13 -35.17 4.78 54.45
C ILE C 13 -34.21 3.84 55.20
N SER C 14 -34.62 2.58 55.39
CA SER C 14 -33.95 1.59 56.27
C SER C 14 -32.50 1.36 55.82
N LEU C 15 -31.71 0.62 56.63
CA LEU C 15 -30.23 0.48 56.45
C LEU C 15 -29.90 -0.56 55.37
N PRO C 16 -30.83 -1.43 54.88
CA PRO C 16 -30.59 -2.19 53.66
C PRO C 16 -30.30 -1.30 52.43
N TRP C 17 -31.13 -0.28 52.19
CA TRP C 17 -30.98 0.65 51.04
C TRP C 17 -29.80 1.60 51.28
N LYS C 18 -29.45 1.90 52.54
CA LYS C 18 -28.42 2.90 52.93
C LYS C 18 -27.01 2.38 52.63
N VAL C 19 -26.80 1.06 52.66
CA VAL C 19 -25.51 0.40 52.33
C VAL C 19 -25.40 0.21 50.80
N LEU C 20 -26.54 0.18 50.09
CA LEU C 20 -26.61 0.16 48.60
C LEU C 20 -26.49 1.60 48.06
N LEU C 21 -26.71 2.62 48.90
CA LEU C 21 -26.67 4.05 48.51
C LEU C 21 -25.39 4.73 49.06
N VAL C 22 -24.52 3.97 49.73
CA VAL C 22 -23.10 4.33 49.98
C VAL C 22 -22.27 3.86 48.77
N MET C 23 -22.66 2.71 48.19
CA MET C 23 -22.03 2.09 46.98
C MET C 23 -22.08 3.05 45.79
N LEU C 24 -23.28 3.26 45.21
CA LEU C 24 -23.49 3.95 43.91
C LEU C 24 -22.82 5.33 43.93
N LEU C 25 -22.87 6.04 45.07
CA LEU C 25 -22.29 7.40 45.25
C LEU C 25 -20.80 7.33 45.62
N ALA C 26 -20.32 6.18 46.12
CA ALA C 26 -18.87 5.90 46.26
C ALA C 26 -18.29 5.50 44.89
N LEU C 27 -19.07 4.77 44.08
CA LEU C 27 -18.67 4.15 42.77
C LEU C 27 -18.87 5.16 41.62
N ILE C 28 -19.75 6.15 41.80
CA ILE C 28 -19.90 7.31 40.86
C ILE C 28 -18.76 8.31 41.14
N THR C 29 -18.50 8.60 42.42
CA THR C 29 -17.41 9.51 42.88
C THR C 29 -16.06 9.03 42.33
N LEU C 30 -15.76 7.73 42.49
CA LEU C 30 -14.47 7.09 42.12
C LEU C 30 -14.28 7.14 40.58
N ALA C 31 -15.31 6.80 39.82
CA ALA C 31 -15.28 6.73 38.34
C ALA C 31 -15.07 8.14 37.73
N THR C 32 -15.35 9.21 38.49
CA THR C 32 -15.09 10.64 38.10
C THR C 32 -13.60 10.96 38.25
N THR C 33 -12.99 10.50 39.35
CA THR C 33 -11.56 10.73 39.71
C THR C 33 -10.67 10.04 38.67
N LEU C 34 -10.88 8.74 38.43
CA LEU C 34 -9.97 7.85 37.64
C LEU C 34 -10.34 7.85 36.15
N SER C 35 -11.41 8.53 35.74
CA SER C 35 -11.73 8.81 34.31
C SER C 35 -11.09 10.15 33.91
N ASN C 36 -11.25 11.20 34.73
CA ASN C 36 -10.70 12.57 34.47
C ASN C 36 -9.18 12.61 34.73
N ALA C 37 -8.62 11.65 35.49
CA ALA C 37 -7.16 11.51 35.74
C ALA C 37 -6.50 10.73 34.60
N PHE C 38 -7.20 9.74 34.05
CA PHE C 38 -6.82 9.00 32.81
C PHE C 38 -6.82 9.99 31.63
N VAL C 39 -7.61 11.06 31.69
CA VAL C 39 -7.74 12.08 30.60
C VAL C 39 -6.62 13.12 30.72
N ILE C 40 -6.22 13.52 31.93
CA ILE C 40 -5.13 14.52 32.14
C ILE C 40 -3.78 13.85 31.82
N ALA C 41 -3.58 12.61 32.27
CA ALA C 41 -2.32 11.83 32.12
C ALA C 41 -2.14 11.39 30.66
N THR C 42 -3.22 11.25 29.89
CA THR C 42 -3.19 10.98 28.42
C THR C 42 -2.53 12.18 27.72
N VAL C 43 -2.93 13.40 28.09
CA VAL C 43 -2.41 14.70 27.52
C VAL C 43 -1.00 14.96 28.07
N TYR C 44 -0.85 14.89 29.41
CA TYR C 44 0.45 15.00 30.12
C TYR C 44 1.46 14.03 29.49
N ARG C 45 1.01 12.85 29.04
CA ARG C 45 1.87 11.77 28.49
C ARG C 45 1.74 11.67 26.97
N THR C 46 1.67 12.79 26.23
CA THR C 46 1.84 12.83 24.75
C THR C 46 2.10 14.26 24.23
N ARG C 47 3.06 14.40 23.32
CA ARG C 47 3.66 15.69 22.84
C ARG C 47 3.09 16.07 21.46
N LYS C 48 2.40 15.15 20.78
CA LYS C 48 1.51 15.45 19.63
C LYS C 48 0.19 15.99 20.19
N LEU C 49 -0.23 15.48 21.35
CA LEU C 49 -1.47 15.89 22.07
C LEU C 49 -1.25 17.22 22.84
N HIS C 50 0.00 17.70 22.93
CA HIS C 50 0.35 19.03 23.51
C HIS C 50 -0.16 20.14 22.58
N THR C 51 -1.49 20.24 22.38
CA THR C 51 -2.15 21.20 21.47
C THR C 51 -2.85 22.29 22.30
N PRO C 52 -3.16 23.47 21.72
CA PRO C 52 -3.83 24.55 22.46
C PRO C 52 -5.30 24.22 22.77
N ALA C 53 -5.87 23.22 22.08
CA ALA C 53 -7.27 22.75 22.21
C ALA C 53 -7.33 21.43 22.98
N ASN C 54 -6.19 20.80 23.26
CA ASN C 54 -6.10 19.58 24.12
C ASN C 54 -5.55 19.97 25.50
N TYR C 55 -5.08 21.20 25.66
CA TYR C 55 -4.76 21.83 26.96
C TYR C 55 -6.08 22.18 27.68
N LEU C 56 -7.12 22.57 26.93
CA LEU C 56 -8.44 22.95 27.49
C LEU C 56 -9.17 21.71 28.02
N ILE C 57 -9.20 20.60 27.28
CA ILE C 57 -9.88 19.32 27.67
C ILE C 57 -9.35 18.87 29.04
N ALA C 58 -8.02 18.96 29.23
CA ALA C 58 -7.29 18.64 30.49
C ALA C 58 -7.69 19.64 31.57
N SER C 59 -7.65 20.94 31.25
CA SER C 59 -8.10 22.06 32.11
C SER C 59 -9.55 21.83 32.56
N LEU C 60 -10.39 21.29 31.66
CA LEU C 60 -11.78 20.84 31.97
C LEU C 60 -11.71 19.69 32.96
N ALA C 61 -11.14 18.55 32.54
CA ALA C 61 -10.97 17.34 33.36
C ALA C 61 -10.35 17.70 34.72
N VAL C 62 -9.54 18.77 34.78
CA VAL C 62 -8.88 19.30 36.02
C VAL C 62 -9.95 19.76 37.02
N THR C 63 -10.98 20.48 36.56
CA THR C 63 -12.07 20.99 37.43
C THR C 63 -12.96 19.80 37.85
N ASP C 64 -13.30 18.93 36.89
CA ASP C 64 -14.14 17.71 37.09
C ASP C 64 -13.42 16.71 38.01
N LEU C 65 -12.10 16.83 38.16
CA LEU C 65 -11.29 16.03 39.11
C LEU C 65 -11.38 16.66 40.51
N LEU C 66 -11.40 18.00 40.59
CA LEU C 66 -11.55 18.74 41.87
C LEU C 66 -12.90 18.40 42.50
N VAL C 67 -13.98 18.43 41.71
CA VAL C 67 -15.39 18.11 42.13
C VAL C 67 -15.43 16.68 42.70
N SER C 68 -14.67 15.75 42.12
CA SER C 68 -14.72 14.30 42.45
C SER C 68 -14.09 14.00 43.83
N ILE C 69 -13.21 14.88 44.33
CA ILE C 69 -12.47 14.69 45.62
C ILE C 69 -12.92 15.74 46.65
N LEU C 70 -13.12 17.01 46.25
CA LEU C 70 -13.54 18.11 47.17
C LEU C 70 -15.03 17.95 47.55
N VAL C 71 -15.90 17.64 46.57
CA VAL C 71 -17.39 17.81 46.69
C VAL C 71 -18.06 16.44 46.84
N MET C 72 -17.77 15.48 45.96
CA MET C 72 -18.57 14.24 45.77
C MET C 72 -18.48 13.30 46.97
N PRO C 73 -17.30 13.06 47.59
CA PRO C 73 -17.23 12.13 48.74
C PRO C 73 -17.86 12.73 50.00
N ILE C 74 -17.93 14.06 50.10
CA ILE C 74 -18.50 14.81 51.26
C ILE C 74 -19.86 15.42 50.86
N SER C 75 -20.37 15.07 49.68
CA SER C 75 -21.78 15.30 49.25
C SER C 75 -22.66 14.20 49.85
N THR C 76 -22.06 13.04 50.12
CA THR C 76 -22.73 11.74 50.35
C THR C 76 -23.08 11.52 51.83
N MET C 77 -22.17 11.89 52.75
CA MET C 77 -22.39 11.83 54.23
C MET C 77 -23.57 12.74 54.60
N TYR C 78 -23.84 13.77 53.77
CA TYR C 78 -24.98 14.70 53.87
C TYR C 78 -26.21 14.11 53.16
N THR C 79 -26.05 13.55 51.95
CA THR C 79 -27.14 13.01 51.08
C THR C 79 -27.73 11.71 51.67
N VAL C 80 -26.88 10.84 52.22
CA VAL C 80 -27.25 9.48 52.73
C VAL C 80 -28.03 9.64 54.04
N THR C 81 -27.39 10.19 55.08
CA THR C 81 -28.00 10.44 56.41
C THR C 81 -29.11 11.51 56.27
N GLY C 82 -28.72 12.75 55.94
CA GLY C 82 -29.64 13.90 55.79
C GLY C 82 -29.28 15.05 56.72
N ARG C 83 -28.08 15.02 57.33
CA ARG C 83 -27.62 16.00 58.35
C ARG C 83 -26.21 16.48 57.98
N TRP C 84 -25.51 17.14 58.90
CA TRP C 84 -24.17 17.76 58.67
C TRP C 84 -23.32 17.73 59.95
N THR C 85 -22.33 16.85 60.05
CA THR C 85 -21.52 16.62 61.28
C THR C 85 -20.37 17.64 61.43
N LEU C 86 -19.86 18.22 60.33
CA LEU C 86 -18.46 18.74 60.25
C LEU C 86 -18.35 20.23 60.63
N GLY C 87 -19.46 20.96 60.77
CA GLY C 87 -19.49 22.28 61.44
C GLY C 87 -19.25 23.47 60.53
N GLN C 88 -19.17 24.67 61.14
CA GLN C 88 -19.27 26.00 60.49
C GLN C 88 -18.11 26.24 59.52
N VAL C 89 -16.88 26.36 60.04
CA VAL C 89 -15.66 26.81 59.27
C VAL C 89 -15.47 25.91 58.04
N VAL C 90 -15.97 24.67 58.09
CA VAL C 90 -15.84 23.64 57.01
C VAL C 90 -16.82 23.99 55.87
N CYS C 91 -18.12 24.00 56.14
CA CYS C 91 -19.19 23.98 55.12
C CYS C 91 -19.31 25.31 54.38
N ASP C 92 -18.60 26.35 54.84
CA ASP C 92 -18.48 27.65 54.10
C ASP C 92 -17.61 27.42 52.85
N PHE C 93 -16.54 26.61 52.94
CA PHE C 93 -15.59 26.30 51.83
C PHE C 93 -15.93 24.96 51.16
N TRP C 94 -16.89 24.19 51.69
CA TRP C 94 -17.51 23.03 51.01
C TRP C 94 -18.45 23.55 49.91
N LEU C 95 -19.33 24.50 50.26
CA LEU C 95 -20.29 25.16 49.33
C LEU C 95 -19.50 25.87 48.23
N SER C 96 -18.56 26.75 48.64
CA SER C 96 -17.68 27.57 47.76
C SER C 96 -17.08 26.70 46.66
N SER C 97 -16.54 25.53 47.01
CA SER C 97 -15.96 24.56 46.04
C SER C 97 -17.07 24.07 45.10
N ASP C 98 -18.12 23.45 45.65
CA ASP C 98 -19.26 22.88 44.88
C ASP C 98 -19.75 23.92 43.87
N ILE C 99 -20.09 25.12 44.34
CA ILE C 99 -20.69 26.21 43.49
C ILE C 99 -19.69 26.62 42.39
N THR C 100 -18.44 26.96 42.74
CA THR C 100 -17.42 27.46 41.77
C THR C 100 -16.96 26.30 40.87
N CYS C 101 -16.48 25.20 41.45
CA CYS C 101 -15.89 24.04 40.72
C CYS C 101 -16.90 23.50 39.70
N CYS C 102 -18.21 23.62 39.94
CA CYS C 102 -19.26 23.20 38.98
C CYS C 102 -19.60 24.33 38.01
N THR C 103 -19.29 25.59 38.36
CA THR C 103 -19.35 26.77 37.46
C THR C 103 -18.17 26.72 36.48
N ALA C 104 -16.96 26.43 36.98
CA ALA C 104 -15.76 26.17 36.16
C ALA C 104 -16.10 25.07 35.14
N SER C 105 -16.48 23.87 35.60
CA SER C 105 -16.89 22.71 34.78
C SER C 105 -17.78 23.15 33.61
N ILE C 106 -18.80 23.96 33.89
CA ILE C 106 -19.81 24.44 32.89
C ILE C 106 -19.12 25.39 31.90
N TRP C 107 -18.50 26.46 32.41
CA TRP C 107 -17.92 27.54 31.56
C TRP C 107 -16.74 27.05 30.72
N HIS C 108 -16.02 26.01 31.16
CA HIS C 108 -14.94 25.35 30.38
C HIS C 108 -15.53 24.78 29.09
N LEU C 109 -16.80 24.35 29.12
CA LEU C 109 -17.51 23.85 27.92
C LEU C 109 -17.76 25.00 26.94
N CYS C 110 -17.76 26.26 27.40
CA CYS C 110 -17.88 27.46 26.52
C CYS C 110 -16.53 27.74 25.85
N VAL C 111 -15.46 27.78 26.65
CA VAL C 111 -14.08 28.09 26.17
C VAL C 111 -13.63 27.02 25.17
N ILE C 112 -14.00 25.74 25.38
CA ILE C 112 -13.79 24.63 24.41
C ILE C 112 -14.51 24.99 23.10
N ALA C 113 -15.77 25.41 23.20
CA ALA C 113 -16.66 25.74 22.04
C ALA C 113 -16.31 27.11 21.46
N LEU C 114 -15.56 27.97 22.18
CA LEU C 114 -14.97 29.20 21.60
C LEU C 114 -13.83 28.83 20.63
N ASP C 115 -13.01 27.83 20.99
CA ASP C 115 -11.85 27.33 20.19
C ASP C 115 -12.39 26.76 18.88
N ARG C 116 -13.21 25.70 18.97
CA ARG C 116 -13.93 25.08 17.83
C ARG C 116 -14.56 26.15 16.95
N TYR C 117 -15.27 27.12 17.53
CA TYR C 117 -16.01 28.14 16.75
C TYR C 117 -15.01 28.99 15.98
N TRP C 118 -14.02 29.58 16.67
CA TRP C 118 -13.03 30.50 16.06
C TRP C 118 -12.12 29.75 15.09
N ALA C 119 -11.84 28.46 15.34
CA ALA C 119 -11.03 27.57 14.46
C ALA C 119 -11.77 27.30 13.15
N ILE C 120 -13.04 26.92 13.22
CA ILE C 120 -13.85 26.48 12.04
C ILE C 120 -14.40 27.71 11.31
N THR C 121 -14.22 28.92 11.84
CA THR C 121 -14.85 30.17 11.32
C THR C 121 -13.78 31.17 10.85
N ASP C 122 -12.60 31.17 11.46
CA ASP C 122 -11.49 32.10 11.13
C ASP C 122 -10.18 31.32 11.00
N ALA C 123 -10.27 30.10 10.46
CA ALA C 123 -9.17 29.09 10.41
C ALA C 123 -7.83 29.80 10.33
N VAL C 124 -7.70 30.73 9.38
CA VAL C 124 -6.40 31.38 9.00
C VAL C 124 -5.91 32.27 10.16
N GLU C 125 -6.69 33.26 10.60
CA GLU C 125 -6.19 34.43 11.38
C GLU C 125 -6.04 34.07 12.87
N TYR C 126 -6.96 33.31 13.45
CA TYR C 126 -6.99 32.99 14.91
C TYR C 126 -6.01 31.85 15.24
N SER C 127 -5.38 31.21 14.25
CA SER C 127 -4.36 30.15 14.48
C SER C 127 -3.07 30.78 15.02
N ALA C 128 -2.91 32.11 14.89
CA ALA C 128 -1.77 32.91 15.41
C ALA C 128 -2.02 33.30 16.87
N LYS C 129 -3.23 33.78 17.19
CA LYS C 129 -3.68 34.08 18.58
C LYS C 129 -3.76 32.77 19.38
N ARG C 130 -4.13 31.67 18.73
CA ARG C 130 -4.22 30.30 19.32
C ARG C 130 -2.81 29.85 19.75
N THR C 131 -2.63 29.65 21.06
CA THR C 131 -1.31 29.45 21.73
C THR C 131 -1.53 28.67 23.02
N PRO C 132 -0.48 28.30 23.78
CA PRO C 132 -0.64 27.94 25.19
C PRO C 132 -0.99 29.16 26.07
N LYS C 133 -0.28 30.28 25.89
CA LYS C 133 -0.37 31.52 26.73
C LYS C 133 -1.78 32.12 26.61
N ARG C 134 -2.29 32.28 25.39
CA ARG C 134 -3.68 32.78 25.13
C ARG C 134 -4.71 31.81 25.70
N ALA C 135 -4.40 30.50 25.71
CA ALA C 135 -5.28 29.40 26.20
C ALA C 135 -5.13 29.22 27.71
N ALA C 136 -4.04 29.73 28.31
CA ALA C 136 -3.82 29.77 29.78
C ALA C 136 -4.64 30.93 30.38
N VAL C 137 -4.73 32.06 29.67
CA VAL C 137 -5.60 33.23 30.00
C VAL C 137 -7.04 32.73 30.17
N MET C 138 -7.51 31.87 29.26
CA MET C 138 -8.92 31.41 29.20
C MET C 138 -9.24 30.56 30.43
N ILE C 139 -8.53 29.45 30.65
CA ILE C 139 -8.67 28.59 31.87
C ILE C 139 -8.67 29.47 33.12
N ALA C 140 -7.77 30.46 33.18
CA ALA C 140 -7.55 31.36 34.35
C ALA C 140 -8.79 32.25 34.57
N LEU C 141 -9.17 33.05 33.56
CA LEU C 141 -10.27 34.05 33.62
C LEU C 141 -11.63 33.38 33.85
N VAL C 142 -11.72 32.06 33.64
CA VAL C 142 -12.93 31.22 33.91
C VAL C 142 -12.84 30.60 35.32
N TRP C 143 -11.62 30.46 35.86
CA TRP C 143 -11.38 30.03 37.26
C TRP C 143 -11.53 31.22 38.21
N VAL C 144 -11.24 32.44 37.74
CA VAL C 144 -11.38 33.71 38.51
C VAL C 144 -12.86 34.10 38.57
N PHE C 145 -13.54 34.17 37.41
CA PHE C 145 -14.98 34.53 37.31
C PHE C 145 -15.84 33.53 38.09
N SER C 146 -15.46 32.25 38.06
CA SER C 146 -16.12 31.14 38.81
C SER C 146 -16.16 31.46 40.31
N ILE C 147 -15.03 31.91 40.88
CA ILE C 147 -14.91 32.29 42.32
C ILE C 147 -15.82 33.51 42.59
N SER C 148 -15.87 34.48 41.67
CA SER C 148 -16.60 35.77 41.82
C SER C 148 -18.11 35.56 41.99
N ILE C 149 -18.58 34.31 41.83
CA ILE C 149 -20.02 33.92 42.01
C ILE C 149 -20.26 33.54 43.47
N SER C 150 -19.32 32.82 44.10
CA SER C 150 -19.46 32.25 45.47
C SER C 150 -19.10 33.26 46.58
N LEU C 151 -18.62 34.47 46.23
CA LEU C 151 -18.27 35.56 47.19
C LEU C 151 -19.54 36.19 47.78
N PRO C 152 -20.50 36.67 46.94
CA PRO C 152 -21.78 37.20 47.42
C PRO C 152 -22.48 36.58 48.64
N PRO C 153 -22.61 35.22 48.75
CA PRO C 153 -23.24 34.61 49.93
C PRO C 153 -22.37 34.61 51.19
N PHE C 154 -21.03 34.66 51.02
CA PHE C 154 -20.03 34.62 52.10
C PHE C 154 -20.25 35.78 53.08
N PHE C 155 -20.57 36.98 52.56
CA PHE C 155 -20.93 38.17 53.37
C PHE C 155 -22.04 37.81 54.36
N TRP C 156 -23.07 37.08 53.91
CA TRP C 156 -24.27 36.68 54.71
C TRP C 156 -24.29 35.15 54.89
N VAL C 165 -26.51 25.32 62.25
CA VAL C 165 -25.88 24.07 62.77
C VAL C 165 -26.65 22.88 62.18
N SER C 166 -25.95 21.86 61.68
CA SER C 166 -26.49 20.56 61.18
C SER C 166 -27.29 20.74 59.88
N GLU C 167 -27.19 21.90 59.23
CA GLU C 167 -28.04 22.31 58.07
C GLU C 167 -27.20 23.14 57.11
N CYS C 168 -26.43 22.47 56.24
CA CYS C 168 -25.58 23.14 55.23
C CYS C 168 -26.41 23.43 53.98
N VAL C 169 -26.50 24.71 53.63
CA VAL C 169 -27.22 25.27 52.46
C VAL C 169 -26.67 26.67 52.19
N VAL C 170 -27.02 27.25 51.04
CA VAL C 170 -26.49 28.57 50.58
C VAL C 170 -27.63 29.60 50.67
N ASN C 171 -27.25 30.87 50.76
CA ASN C 171 -28.14 32.05 50.95
C ASN C 171 -29.25 32.07 49.90
N THR C 172 -30.49 31.76 50.31
CA THR C 172 -31.73 31.94 49.52
C THR C 172 -32.63 32.93 50.28
N ASP C 173 -32.08 34.11 50.61
CA ASP C 173 -32.79 35.28 51.23
C ASP C 173 -32.77 36.45 50.24
N HIS C 174 -31.57 36.93 49.89
CA HIS C 174 -31.34 37.71 48.64
C HIS C 174 -31.77 36.82 47.48
N ILE C 175 -32.76 37.27 46.69
CA ILE C 175 -33.30 36.56 45.49
C ILE C 175 -32.51 37.01 44.25
N LEU C 176 -32.10 38.28 44.21
CA LEU C 176 -31.30 38.87 43.09
C LEU C 176 -30.01 38.07 42.88
N TYR C 177 -29.42 37.55 43.95
CA TYR C 177 -28.27 36.61 43.89
C TYR C 177 -28.75 35.31 43.23
N THR C 178 -29.77 34.67 43.79
CA THR C 178 -30.34 33.37 43.32
C THR C 178 -30.40 33.35 41.80
N VAL C 179 -31.00 34.38 41.20
CA VAL C 179 -31.23 34.45 39.72
C VAL C 179 -29.93 34.83 38.99
N TYR C 180 -29.09 35.69 39.57
CA TYR C 180 -27.76 36.09 39.02
C TYR C 180 -26.82 34.87 38.94
N SER C 181 -26.86 34.03 39.99
CA SER C 181 -26.07 32.80 40.12
C SER C 181 -26.46 31.80 39.03
N THR C 182 -27.75 31.70 38.73
CA THR C 182 -28.31 30.75 37.74
C THR C 182 -28.24 31.34 36.33
N VAL C 183 -28.02 32.67 36.18
CA VAL C 183 -27.86 33.33 34.85
C VAL C 183 -26.38 33.40 34.45
N GLY C 184 -25.51 33.72 35.41
CA GLY C 184 -24.06 33.87 35.17
C GLY C 184 -23.35 32.54 34.98
N ALA C 185 -23.96 31.43 35.45
CA ALA C 185 -23.29 30.12 35.33
C ALA C 185 -24.12 29.12 34.51
N PHE C 186 -25.32 29.48 34.04
CA PHE C 186 -26.09 28.45 33.28
C PHE C 186 -26.77 28.99 32.02
N TYR C 187 -27.74 29.89 32.17
CA TYR C 187 -28.52 30.37 30.99
C TYR C 187 -27.58 31.06 29.99
N PHE C 188 -26.67 31.90 30.46
CA PHE C 188 -25.67 32.51 29.54
C PHE C 188 -24.94 31.36 28.83
N PRO C 189 -24.12 30.54 29.52
CA PRO C 189 -23.55 29.32 28.93
C PRO C 189 -24.37 28.32 28.11
N THR C 190 -25.71 28.39 28.09
CA THR C 190 -26.51 27.52 27.19
C THR C 190 -27.16 28.34 26.06
N LEU C 191 -27.34 29.65 26.24
CA LEU C 191 -27.65 30.55 25.09
C LEU C 191 -26.39 30.67 24.25
N LEU C 192 -25.21 30.72 24.87
CA LEU C 192 -23.90 30.78 24.19
C LEU C 192 -23.64 29.45 23.43
N LEU C 193 -23.68 28.32 24.14
CA LEU C 193 -23.51 26.97 23.54
C LEU C 193 -24.41 26.84 22.30
N ILE C 194 -25.69 27.23 22.40
CA ILE C 194 -26.69 27.04 21.30
C ILE C 194 -26.34 27.96 20.12
N ALA C 195 -25.74 29.12 20.38
CA ALA C 195 -25.40 30.13 19.35
C ALA C 195 -24.11 29.74 18.61
N LEU C 196 -23.17 29.09 19.31
CA LEU C 196 -21.88 28.63 18.74
C LEU C 196 -22.12 27.36 17.91
N TYR C 197 -22.76 26.35 18.50
CA TYR C 197 -23.12 25.07 17.83
C TYR C 197 -23.99 25.36 16.61
N GLY C 198 -24.90 26.32 16.72
CA GLY C 198 -25.65 26.87 15.57
C GLY C 198 -24.72 27.25 14.44
N ARG C 199 -23.93 28.33 14.63
CA ARG C 199 -22.86 28.76 13.70
C ARG C 199 -22.09 27.55 13.19
N ILE C 200 -21.51 26.74 14.09
CA ILE C 200 -20.52 25.68 13.71
C ILE C 200 -21.18 24.70 12.75
N TYR C 201 -22.30 24.10 13.13
CA TYR C 201 -23.07 23.07 12.35
C TYR C 201 -23.41 23.59 10.96
N VAL C 202 -23.64 24.89 10.79
CA VAL C 202 -24.06 25.51 9.49
C VAL C 202 -22.83 25.72 8.59
N GLU C 203 -21.69 26.16 9.12
CA GLU C 203 -20.41 26.21 8.38
C GLU C 203 -20.03 24.79 7.95
N ALA C 204 -19.91 23.90 8.94
CA ALA C 204 -19.47 22.48 8.80
C ALA C 204 -20.33 21.75 7.78
N ARG C 205 -21.60 22.15 7.64
CA ARG C 205 -22.55 21.53 6.68
C ARG C 205 -22.45 22.19 5.30
N SER C 206 -22.22 23.50 5.24
CA SER C 206 -21.99 24.24 3.96
C SER C 206 -20.72 23.70 3.31
N ARG C 207 -19.68 23.47 4.10
CA ARG C 207 -18.33 23.10 3.60
C ARG C 207 -18.41 21.76 2.87
N ILE C 208 -19.11 20.77 3.40
CA ILE C 208 -19.22 19.44 2.72
C ILE C 208 -20.01 19.67 1.42
N ALA C 209 -20.99 20.56 1.42
CA ALA C 209 -21.77 20.93 0.22
C ALA C 209 -20.83 21.55 -0.82
N ASP C 210 -20.07 22.58 -0.39
CA ASP C 210 -19.05 23.29 -1.20
C ASP C 210 -18.12 22.24 -1.83
N LEU C 211 -17.57 21.33 -1.01
CA LEU C 211 -16.66 20.22 -1.42
C LEU C 211 -17.38 19.21 -2.33
N GLU C 212 -18.66 18.91 -2.07
CA GLU C 212 -19.47 18.02 -2.95
C GLU C 212 -19.63 18.67 -4.32
N ASP C 213 -19.78 20.00 -4.36
CA ASP C 213 -19.92 20.78 -5.62
C ASP C 213 -18.58 20.75 -6.36
N ASN C 214 -17.46 20.61 -5.65
CA ASN C 214 -16.10 20.62 -6.22
C ASN C 214 -15.83 19.32 -6.95
N TRP C 215 -16.11 18.18 -6.30
CA TRP C 215 -15.99 16.82 -6.92
C TRP C 215 -17.03 16.69 -8.06
N GLU C 216 -18.25 17.19 -7.88
CA GLU C 216 -19.30 17.22 -8.94
C GLU C 216 -18.74 17.93 -10.20
N THR C 217 -17.97 19.00 -10.04
CA THR C 217 -17.42 19.78 -11.18
C THR C 217 -16.31 18.98 -11.86
N LEU C 218 -15.45 18.42 -11.04
CA LEU C 218 -14.25 17.67 -11.48
C LEU C 218 -14.69 16.39 -12.21
N ASN C 219 -15.81 15.79 -11.83
CA ASN C 219 -16.35 14.56 -12.48
C ASN C 219 -17.14 14.98 -13.72
N ASP C 220 -18.09 15.91 -13.59
CA ASP C 220 -18.92 16.38 -14.71
C ASP C 220 -17.99 16.74 -15.87
N ASN C 221 -16.89 17.42 -15.59
CA ASN C 221 -16.05 18.02 -16.65
C ASN C 221 -15.19 16.95 -17.30
N LEU C 222 -14.92 15.88 -16.58
CA LEU C 222 -14.06 14.79 -17.12
C LEU C 222 -14.81 14.14 -18.30
N LYS C 223 -16.03 13.67 -18.04
CA LYS C 223 -17.04 13.28 -19.07
C LYS C 223 -17.01 14.26 -20.26
N VAL C 224 -17.01 15.58 -20.05
CA VAL C 224 -16.97 16.57 -21.18
C VAL C 224 -15.73 16.27 -22.03
N ILE C 225 -14.55 16.06 -21.43
CA ILE C 225 -13.29 15.86 -22.19
C ILE C 225 -13.35 14.56 -22.98
N GLU C 226 -13.83 13.48 -22.36
CA GLU C 226 -13.86 12.10 -22.91
C GLU C 226 -14.44 12.09 -24.32
N LYS C 227 -15.48 12.90 -24.53
CA LYS C 227 -16.40 12.83 -25.68
C LYS C 227 -16.38 14.20 -26.40
N ALA C 228 -15.21 14.82 -26.50
CA ALA C 228 -15.02 16.20 -26.98
C ALA C 228 -14.44 16.18 -28.39
N ASP C 229 -14.98 17.00 -29.29
CA ASP C 229 -14.63 16.94 -30.73
C ASP C 229 -13.49 17.92 -31.02
N ASN C 230 -13.18 18.88 -30.14
CA ASN C 230 -12.16 19.94 -30.41
C ASN C 230 -11.47 20.48 -29.15
N ALA C 231 -10.33 21.13 -29.36
CA ALA C 231 -9.47 21.77 -28.33
C ALA C 231 -10.28 22.73 -27.45
N ALA C 232 -10.90 23.73 -28.06
CA ALA C 232 -11.65 24.80 -27.37
C ALA C 232 -12.43 24.26 -26.15
N GLN C 233 -13.11 23.12 -26.28
CA GLN C 233 -14.07 22.70 -25.24
C GLN C 233 -13.37 21.86 -24.20
N VAL C 234 -12.33 21.12 -24.61
CA VAL C 234 -11.31 20.46 -23.73
C VAL C 234 -10.59 21.51 -22.87
N LYS C 235 -10.19 22.63 -23.45
CA LYS C 235 -9.60 23.75 -22.67
C LYS C 235 -10.58 24.18 -21.57
N ASP C 236 -11.77 24.66 -21.94
CA ASP C 236 -12.74 25.22 -20.96
C ASP C 236 -13.01 24.14 -19.89
N ALA C 237 -12.93 22.87 -20.25
CA ALA C 237 -13.30 21.75 -19.34
C ALA C 237 -12.13 21.47 -18.36
N LEU C 238 -10.90 21.46 -18.86
CA LEU C 238 -9.67 21.33 -18.02
C LEU C 238 -9.50 22.59 -17.17
N THR C 239 -9.73 23.80 -17.68
CA THR C 239 -9.56 24.99 -16.82
C THR C 239 -10.65 25.03 -15.76
N LYS C 240 -11.72 24.26 -15.87
CA LYS C 240 -12.75 24.21 -14.80
C LYS C 240 -12.38 23.19 -13.71
N MET C 241 -11.74 22.07 -14.08
CA MET C 241 -11.35 21.03 -13.10
C MET C 241 -10.30 21.65 -12.18
N ARG C 242 -9.46 22.49 -12.76
CA ARG C 242 -8.30 23.15 -12.11
C ARG C 242 -8.79 24.13 -11.05
N ALA C 243 -9.59 25.09 -11.48
CA ALA C 243 -10.33 25.97 -10.55
C ALA C 243 -10.83 25.14 -9.36
N ALA C 244 -11.30 23.92 -9.63
CA ALA C 244 -12.09 23.08 -8.72
C ALA C 244 -11.16 22.27 -7.85
N ALA C 245 -10.19 21.60 -8.45
CA ALA C 245 -9.10 20.97 -7.70
C ALA C 245 -8.50 22.05 -6.77
N LEU C 246 -8.03 23.19 -7.29
CA LEU C 246 -7.29 24.16 -6.44
C LEU C 246 -8.18 24.65 -5.29
N ASP C 247 -9.49 24.42 -5.35
CA ASP C 247 -10.40 24.72 -4.22
C ASP C 247 -10.36 23.56 -3.23
N ALA C 248 -10.78 22.37 -3.65
CA ALA C 248 -10.75 21.18 -2.78
C ALA C 248 -9.50 21.21 -1.87
N GLN C 249 -8.34 21.53 -2.45
CA GLN C 249 -6.99 21.59 -1.80
C GLN C 249 -7.00 22.43 -0.53
N LYS C 250 -7.92 23.40 -0.37
CA LYS C 250 -7.99 24.35 0.77
C LYS C 250 -8.91 23.85 1.89
N ALA C 251 -9.95 23.08 1.55
CA ALA C 251 -10.74 22.24 2.49
C ALA C 251 -9.78 21.40 3.35
N THR C 252 -10.27 20.73 4.39
CA THR C 252 -9.43 19.94 5.34
C THR C 252 -9.95 18.51 5.40
N ASP C 262 0.01 20.51 11.95
CA ASP C 262 -0.13 21.34 10.73
C ASP C 262 0.61 20.67 9.55
N SER C 263 1.95 20.70 9.54
CA SER C 263 2.77 20.52 8.31
C SER C 263 2.89 19.05 7.87
N PRO C 264 3.14 18.04 8.75
CA PRO C 264 3.41 16.67 8.29
C PRO C 264 2.20 15.93 7.70
N GLU C 265 1.15 15.73 8.51
CA GLU C 265 -0.07 14.95 8.16
C GLU C 265 -0.71 15.53 6.88
N MET C 266 -1.02 16.84 6.90
CA MET C 266 -1.72 17.63 5.84
C MET C 266 -0.90 17.60 4.55
N LYS C 267 0.43 17.72 4.64
CA LYS C 267 1.39 17.70 3.50
C LYS C 267 1.01 16.59 2.51
N ASP C 268 0.74 15.39 3.04
CA ASP C 268 0.48 14.14 2.28
C ASP C 268 -0.86 14.27 1.55
N PHE C 269 -1.83 14.94 2.18
CA PHE C 269 -3.20 15.19 1.65
C PHE C 269 -3.16 16.15 0.45
N ARG C 270 -2.40 17.25 0.59
CA ARG C 270 -2.30 18.33 -0.43
C ARG C 270 -1.45 17.81 -1.60
N HIS C 271 -0.40 17.04 -1.34
CA HIS C 271 0.47 16.47 -2.41
C HIS C 271 -0.38 15.73 -3.44
N GLY C 272 -1.39 14.99 -3.00
CA GLY C 272 -2.27 14.17 -3.87
C GLY C 272 -3.05 15.04 -4.83
N PHE C 273 -3.34 16.27 -4.42
CA PHE C 273 -3.97 17.33 -5.25
C PHE C 273 -2.95 17.92 -6.22
N ASP C 274 -1.69 18.02 -5.82
CA ASP C 274 -0.62 18.64 -6.65
C ASP C 274 -0.26 17.75 -7.85
N ILE C 275 -0.52 16.45 -7.75
CA ILE C 275 -0.59 15.49 -8.87
C ILE C 275 -1.84 15.80 -9.68
N LEU C 276 -3.01 15.69 -9.05
CA LEU C 276 -4.29 15.93 -9.75
C LEU C 276 -4.16 17.17 -10.61
N VAL C 277 -3.56 18.23 -10.05
CA VAL C 277 -3.50 19.55 -10.73
C VAL C 277 -2.49 19.44 -11.89
N GLY C 278 -1.30 18.92 -11.63
CA GLY C 278 -0.26 18.75 -12.67
C GLY C 278 -0.77 17.92 -13.82
N GLN C 279 -1.66 16.95 -13.58
CA GLN C 279 -2.21 16.17 -14.70
C GLN C 279 -3.10 17.14 -15.47
N ILE C 280 -3.92 17.93 -14.78
CA ILE C 280 -4.79 18.92 -15.48
C ILE C 280 -3.87 19.86 -16.24
N ASP C 281 -2.74 20.27 -15.68
CA ASP C 281 -1.82 21.22 -16.36
C ASP C 281 -1.29 20.55 -17.64
N ASP C 282 -0.72 19.34 -17.56
CA ASP C 282 -0.10 18.68 -18.73
C ASP C 282 -1.16 18.46 -19.83
N ALA C 283 -2.39 18.10 -19.48
CA ALA C 283 -3.47 17.94 -20.47
C ALA C 283 -3.65 19.26 -21.20
N LEU C 284 -3.94 20.30 -20.42
CA LEU C 284 -4.23 21.68 -20.89
C LEU C 284 -3.19 22.04 -21.95
N LYS C 285 -1.91 21.79 -21.67
CA LYS C 285 -0.79 22.19 -22.59
C LYS C 285 -1.06 21.57 -23.94
N LEU C 286 -1.25 20.25 -23.96
CA LEU C 286 -1.55 19.52 -25.20
C LEU C 286 -2.80 20.10 -25.85
N ALA C 287 -3.86 20.40 -25.10
CA ALA C 287 -5.09 21.03 -25.63
C ALA C 287 -4.76 22.37 -26.32
N ASN C 288 -3.85 23.15 -25.71
CA ASN C 288 -3.44 24.48 -26.22
C ASN C 288 -2.59 24.29 -27.47
N GLU C 289 -1.71 23.26 -27.47
CA GLU C 289 -0.83 22.95 -28.62
C GLU C 289 -1.69 22.42 -29.77
N GLY C 290 -2.97 22.14 -29.53
CA GLY C 290 -3.90 21.70 -30.58
C GLY C 290 -4.08 20.19 -30.63
N LYS C 291 -3.32 19.45 -29.79
CA LYS C 291 -3.18 17.96 -29.77
C LYS C 291 -4.28 17.34 -28.90
N VAL C 292 -5.51 17.33 -29.41
CA VAL C 292 -6.75 16.85 -28.74
C VAL C 292 -6.62 15.37 -28.37
N LYS C 293 -6.30 14.49 -29.32
CA LYS C 293 -6.21 13.03 -29.05
C LYS C 293 -5.18 12.84 -27.93
N GLU C 294 -4.04 13.55 -28.02
CA GLU C 294 -2.93 13.53 -27.02
C GLU C 294 -3.46 13.97 -25.65
N ALA C 295 -4.32 14.98 -25.61
CA ALA C 295 -4.86 15.56 -24.37
C ALA C 295 -5.79 14.53 -23.73
N GLN C 296 -6.60 13.91 -24.59
CA GLN C 296 -7.63 12.94 -24.15
C GLN C 296 -6.95 11.76 -23.46
N ALA C 297 -5.77 11.37 -23.95
CA ALA C 297 -4.92 10.30 -23.36
C ALA C 297 -4.40 10.83 -22.05
N ALA C 298 -3.76 12.00 -22.11
CA ALA C 298 -3.19 12.69 -20.95
C ALA C 298 -4.24 12.83 -19.83
N ALA C 299 -5.51 13.07 -20.19
CA ALA C 299 -6.65 13.21 -19.25
C ALA C 299 -7.07 11.85 -18.71
N GLU C 300 -6.74 10.77 -19.40
CA GLU C 300 -7.23 9.41 -19.03
C GLU C 300 -6.61 9.04 -17.69
N GLN C 301 -5.35 9.38 -17.53
CA GLN C 301 -4.60 9.32 -16.25
C GLN C 301 -5.42 9.98 -15.13
N LEU C 302 -6.11 11.09 -15.38
CA LEU C 302 -6.87 11.83 -14.34
C LEU C 302 -7.88 10.91 -13.69
N LYS C 303 -8.72 10.17 -14.43
CA LYS C 303 -9.71 9.27 -13.78
C LYS C 303 -8.97 8.40 -12.77
N THR C 304 -7.77 7.92 -13.13
CA THR C 304 -6.99 6.99 -12.28
C THR C 304 -6.81 7.67 -10.92
N THR C 305 -6.44 8.96 -10.97
CA THR C 305 -6.15 9.83 -9.82
C THR C 305 -7.43 10.18 -9.10
N ARG C 306 -8.46 10.63 -9.80
CA ARG C 306 -9.82 10.77 -9.19
C ARG C 306 -10.20 9.45 -8.49
N ASN C 307 -10.21 8.34 -9.21
CA ASN C 307 -10.65 7.04 -8.68
C ASN C 307 -9.97 6.74 -7.34
N ALA C 308 -8.73 7.18 -7.13
CA ALA C 308 -7.91 6.86 -5.94
C ALA C 308 -8.24 7.80 -4.77
N TYR C 309 -8.55 9.08 -5.01
CA TYR C 309 -8.92 10.06 -3.96
C TYR C 309 -10.45 10.16 -3.93
N ILE C 310 -11.14 9.06 -4.25
CA ILE C 310 -12.62 8.88 -4.08
C ILE C 310 -12.83 8.22 -2.71
N GLN C 311 -11.94 7.30 -2.34
CA GLN C 311 -11.94 6.63 -1.02
C GLN C 311 -11.82 7.71 0.08
N LYS C 312 -10.86 8.63 -0.08
CA LYS C 312 -10.47 9.65 0.94
C LYS C 312 -11.43 10.85 0.94
N TYR C 313 -12.36 10.98 -0.01
CA TYR C 313 -13.53 11.91 0.06
C TYR C 313 -14.68 11.19 0.79
N LEU C 314 -14.96 9.94 0.38
CA LEU C 314 -16.12 9.11 0.82
C LEU C 314 -15.86 8.63 2.25
N ARG C 319 -17.66 13.98 9.04
CA ARG C 319 -17.60 15.23 9.87
C ARG C 319 -17.95 14.89 11.32
N LYS C 320 -17.00 14.28 12.07
CA LYS C 320 -17.22 13.73 13.43
C LYS C 320 -16.94 14.78 14.52
N ALA C 321 -15.92 15.63 14.34
CA ALA C 321 -15.51 16.72 15.27
C ALA C 321 -16.72 17.60 15.64
N THR C 322 -17.70 17.69 14.73
CA THR C 322 -18.91 18.52 14.80
C THR C 322 -20.11 17.70 15.26
N LYS C 323 -20.18 16.42 14.87
CA LYS C 323 -21.20 15.44 15.35
C LYS C 323 -21.08 15.30 16.88
N THR C 324 -19.85 15.17 17.40
CA THR C 324 -19.57 14.78 18.81
C THR C 324 -19.90 15.92 19.79
N LEU C 325 -19.79 17.19 19.38
CA LEU C 325 -20.17 18.36 20.24
C LEU C 325 -21.70 18.41 20.37
N GLY C 326 -22.44 17.65 19.54
CA GLY C 326 -23.90 17.42 19.66
C GLY C 326 -24.25 16.47 20.80
N ILE C 327 -23.29 15.67 21.26
CA ILE C 327 -23.41 14.79 22.45
C ILE C 327 -23.04 15.58 23.72
N ILE C 328 -22.11 16.54 23.64
CA ILE C 328 -21.73 17.40 24.80
C ILE C 328 -22.87 18.38 25.10
N LEU C 329 -23.39 19.05 24.07
CA LEU C 329 -24.61 19.90 24.15
C LEU C 329 -25.76 19.05 24.73
N GLY C 330 -26.00 17.86 24.18
CA GLY C 330 -27.08 16.95 24.62
C GLY C 330 -26.91 16.54 26.07
N ALA C 331 -25.75 15.96 26.40
CA ALA C 331 -25.41 15.42 27.75
C ALA C 331 -25.06 16.56 28.72
N PHE C 332 -24.98 17.82 28.25
CA PHE C 332 -24.89 19.04 29.09
C PHE C 332 -26.29 19.57 29.38
N ILE C 333 -27.13 19.67 28.37
CA ILE C 333 -28.56 20.07 28.52
C ILE C 333 -29.20 19.13 29.54
N VAL C 334 -29.21 17.83 29.25
CA VAL C 334 -29.97 16.81 30.03
C VAL C 334 -29.47 16.81 31.49
N CYS C 335 -28.19 17.10 31.75
CA CYS C 335 -27.53 16.99 33.08
C CYS C 335 -27.93 18.16 33.99
N TRP C 336 -27.81 19.40 33.49
CA TRP C 336 -27.81 20.65 34.30
C TRP C 336 -29.12 21.45 34.15
N LEU C 337 -29.94 21.21 33.14
CA LEU C 337 -31.20 21.99 32.94
C LEU C 337 -32.12 21.78 34.15
N PRO C 338 -32.42 20.52 34.56
CA PRO C 338 -33.40 20.27 35.62
C PRO C 338 -33.05 21.04 36.90
N PHE C 339 -31.86 20.79 37.45
CA PHE C 339 -31.33 21.43 38.68
C PHE C 339 -31.57 22.95 38.63
N PHE C 340 -31.31 23.58 37.47
CA PHE C 340 -31.30 25.07 37.35
C PHE C 340 -32.72 25.61 37.15
N ILE C 341 -33.59 24.85 36.50
CA ILE C 341 -35.06 25.11 36.45
C ILE C 341 -35.62 24.97 37.88
N ILE C 342 -35.54 23.75 38.42
CA ILE C 342 -36.02 23.40 39.79
C ILE C 342 -35.37 24.35 40.81
N SER C 343 -34.25 24.99 40.48
CA SER C 343 -33.55 25.93 41.39
C SER C 343 -34.24 27.31 41.40
N LEU C 344 -35.15 27.57 40.46
CA LEU C 344 -35.78 28.91 40.31
C LEU C 344 -37.24 28.92 40.79
N VAL C 345 -37.97 27.81 40.67
CA VAL C 345 -39.41 27.71 41.07
C VAL C 345 -39.54 27.24 42.53
N MET C 346 -38.43 26.79 43.15
CA MET C 346 -38.36 26.43 44.59
C MET C 346 -38.55 27.70 45.43
N PRO C 347 -37.67 28.74 45.35
CA PRO C 347 -37.85 29.95 46.14
C PRO C 347 -39.13 30.75 45.81
N ILE C 348 -39.70 30.55 44.62
CA ILE C 348 -41.01 31.15 44.20
C ILE C 348 -42.13 30.39 44.92
N CYS C 349 -42.47 29.19 44.41
CA CYS C 349 -43.61 28.33 44.85
C CYS C 349 -43.78 28.42 46.38
N ALA C 352 -43.10 23.00 49.88
CA ALA C 352 -43.40 21.78 49.11
C ALA C 352 -44.70 21.96 48.31
N CYS C 353 -44.57 22.28 47.01
CA CYS C 353 -45.64 22.28 45.97
C CYS C 353 -45.67 20.91 45.27
N TRP C 354 -46.10 19.85 45.98
CA TRP C 354 -46.00 18.44 45.56
C TRP C 354 -44.55 18.12 45.18
N PHE C 355 -43.62 18.50 46.08
CA PHE C 355 -42.15 18.53 45.90
C PHE C 355 -41.52 17.76 47.07
N HIS C 356 -40.69 16.76 46.75
CA HIS C 356 -39.96 15.86 47.69
C HIS C 356 -38.45 16.13 47.52
N LEU C 357 -37.73 16.38 48.62
CA LEU C 357 -36.30 16.79 48.63
C LEU C 357 -35.41 15.70 48.01
N ALA C 358 -35.98 14.55 47.64
CA ALA C 358 -35.32 13.45 46.89
C ALA C 358 -35.10 13.84 45.42
N ILE C 359 -35.99 14.68 44.86
CA ILE C 359 -35.98 15.13 43.43
C ILE C 359 -35.04 16.33 43.28
N PHE C 360 -34.87 17.15 44.33
CA PHE C 360 -33.86 18.24 44.40
C PHE C 360 -32.48 17.64 44.66
N ASP C 361 -32.39 16.47 45.31
CA ASP C 361 -31.12 15.74 45.55
C ASP C 361 -30.74 14.92 44.30
N PHE C 362 -31.72 14.35 43.58
CA PHE C 362 -31.50 13.45 42.42
C PHE C 362 -30.92 14.23 41.23
N PHE C 363 -31.39 15.46 40.99
CA PHE C 363 -30.95 16.32 39.86
C PHE C 363 -29.67 17.10 40.23
N THR C 364 -29.26 17.09 41.52
CA THR C 364 -27.94 17.61 41.98
C THR C 364 -26.83 16.62 41.61
N TRP C 365 -27.12 15.31 41.68
CA TRP C 365 -26.20 14.21 41.26
C TRP C 365 -26.20 14.07 39.72
N LEU C 366 -27.26 14.54 39.04
CA LEU C 366 -27.38 14.51 37.56
C LEU C 366 -26.47 15.57 36.94
N GLY C 367 -26.17 16.64 37.69
CA GLY C 367 -25.26 17.74 37.32
C GLY C 367 -23.82 17.45 37.72
N TYR C 368 -23.61 16.74 38.84
CA TYR C 368 -22.29 16.14 39.21
C TYR C 368 -21.92 15.10 38.15
N LEU C 369 -22.93 14.37 37.64
CA LEU C 369 -22.78 13.30 36.62
C LEU C 369 -22.15 13.86 35.34
N ASN C 370 -22.32 15.15 35.07
CA ASN C 370 -21.67 15.89 33.94
C ASN C 370 -20.15 15.72 34.03
N SER C 371 -19.59 15.80 35.25
CA SER C 371 -18.13 15.70 35.53
C SER C 371 -17.60 14.27 35.26
N LEU C 372 -18.52 13.30 35.14
CA LEU C 372 -18.26 11.89 34.76
C LEU C 372 -18.37 11.76 33.24
N ILE C 373 -19.49 12.23 32.68
CA ILE C 373 -19.90 11.96 31.26
C ILE C 373 -18.92 12.64 30.29
N ASN C 374 -18.33 13.79 30.66
CA ASN C 374 -17.44 14.62 29.78
C ASN C 374 -16.22 13.81 29.33
N PRO C 375 -15.41 13.24 30.26
CA PRO C 375 -14.30 12.37 29.85
C PRO C 375 -14.70 11.18 28.98
N ILE C 376 -15.85 10.54 29.24
CA ILE C 376 -16.26 9.25 28.60
C ILE C 376 -16.87 9.52 27.21
N ILE C 377 -17.29 10.75 26.91
CA ILE C 377 -17.69 11.17 25.53
C ILE C 377 -16.41 11.41 24.70
N TYR C 378 -15.34 11.91 25.32
CA TYR C 378 -14.06 12.31 24.65
C TYR C 378 -13.18 11.09 24.34
N THR C 379 -13.55 9.88 24.77
CA THR C 379 -12.89 8.58 24.43
C THR C 379 -13.59 7.90 23.24
N MET C 380 -14.94 7.95 23.19
CA MET C 380 -15.77 7.43 22.06
C MET C 380 -15.74 8.41 20.88
N SER C 381 -15.65 9.72 21.17
CA SER C 381 -15.65 10.83 20.19
C SER C 381 -14.26 11.00 19.57
N ASN C 382 -13.33 11.62 20.31
CA ASN C 382 -11.96 12.00 19.87
C ASN C 382 -11.09 10.74 19.77
N GLU C 383 -10.35 10.61 18.66
CA GLU C 383 -9.67 9.37 18.22
C GLU C 383 -8.29 9.21 18.89
N ASP C 384 -7.87 10.18 19.71
CA ASP C 384 -6.52 10.17 20.37
C ASP C 384 -6.62 9.63 21.80
N PHE C 385 -7.81 9.72 22.41
CA PHE C 385 -8.12 9.15 23.74
C PHE C 385 -8.46 7.66 23.61
N LYS C 386 -8.87 7.20 22.41
CA LYS C 386 -9.27 5.80 22.09
C LYS C 386 -8.04 4.98 21.71
N GLN C 387 -7.01 5.61 21.13
CA GLN C 387 -5.68 5.00 20.91
C GLN C 387 -4.97 4.82 22.26
N ALA C 388 -5.32 5.66 23.25
CA ALA C 388 -4.74 5.68 24.61
C ALA C 388 -5.34 4.55 25.46
N PHE C 389 -6.66 4.61 25.69
CA PHE C 389 -7.47 3.73 26.59
C PHE C 389 -7.18 2.24 26.34
N HIS C 390 -7.37 1.79 25.09
CA HIS C 390 -7.28 0.38 24.64
C HIS C 390 -5.98 -0.27 25.15
N LYS C 391 -4.95 0.54 25.37
CA LYS C 391 -3.67 0.17 26.05
C LYS C 391 -3.78 0.47 27.55
C1 ERM D . -23.26 25.63 39.73
N1 ERM D . -23.69 26.93 39.76
O1 ERM D . -27.23 22.88 45.96
C10 ERM D . -25.67 26.85 43.39
C11 ERM D . -25.67 28.08 42.70
C12 ERM D . -25.03 28.22 41.47
C13 ERM D . -24.39 27.13 40.91
C14 ERM D . -24.40 25.94 41.61
C15 ERM D . -24.10 20.85 42.28
C16 ERM D . -26.10 22.59 46.31
C17 ERM D . -26.80 21.88 48.58
C18 ERM D . -27.79 23.02 48.61
C19 ERM D . -30.22 23.28 48.76
N2 ERM D . -24.17 22.02 43.18
C2 ERM D . -23.72 25.01 40.89
O2 ERM D . -27.64 20.74 48.33
C20 ERM D . -31.30 22.43 49.39
C21 ERM D . -32.40 20.22 49.12
C22 ERM D . -31.82 18.85 48.78
C23 ERM D . -30.30 18.95 48.91
C24 ERM D . -29.95 20.40 49.24
C25 ERM D . -29.03 21.09 48.23
C26 ERM D . -26.13 21.71 49.93
C27 ERM D . -30.71 23.81 47.42
C28 ERM D . -30.28 25.23 47.16
C29 ERM D . -29.63 25.53 45.95
C3 ERM D . -23.56 23.59 41.39
N3 ERM D . -25.81 22.10 47.53
O3 ERM D . -27.48 24.19 48.70
C30 ERM D . -29.22 26.82 45.66
C31 ERM D . -29.47 27.83 46.59
C32 ERM D . -30.12 27.54 47.80
C33 ERM D . -30.53 26.24 48.08
C4 ERM D . -24.62 23.23 42.45
N4 ERM D . -29.00 22.52 48.52
O4 ERM D . -32.18 22.99 50.00
C5 ERM D . -25.10 21.71 44.26
N5 ERM D . -31.24 21.11 49.26
O5 ERM D . -29.47 20.84 46.90
C6 ERM D . -24.97 22.79 45.33
C7 ERM D . -25.04 24.16 44.71
C8 ERM D . -24.90 24.38 43.39
C9 ERM D . -25.01 25.76 42.82
#